data_7FT3
#
_entry.id   7FT3
#
_cell.length_a   80.550
_cell.length_b   49.703
_cell.length_c   115.895
_cell.angle_alpha   90.000
_cell.angle_beta   95.040
_cell.angle_gamma   90.000
#
_symmetry.space_group_name_H-M   'P 1 21 1'
#
loop_
_entity.id
_entity.type
_entity.pdbx_description
1 polymer Syntenin-1
2 non-polymer 1,2-ETHANEDIOL
3 non-polymer 1-[2-(trifluoromethyloxy)phenyl]thiourea
4 non-polymer 'D-GLUTAMIC ACID'
5 non-polymer GLYCINE
6 non-polymer 'SULFATE ION'
7 non-polymer ALANINE
8 water water
#
_entity_poly.entity_id   1
_entity_poly.type   'polypeptide(L)'
_entity_poly.pdbx_seq_one_letter_code
;SMAEIKQGIREVILCKDQDGKIGLRLKSIDNGIFVQLVQANSPASLVGLRFGDQVLQINGENCAGWSSDKAHKVLKQAFG
EKITMTIRDRPFERTITMHKDSTGHVGFIFKNGKITSIVKDSSAARNGLLTEHNICEINGQNVIGLKDSQIADILSTSGT
VVTITIMPAFIFEHIIKRMAPSIMKSLMDHTIPEV
;
_entity_poly.pdbx_strand_id   A,B,C,D
#
loop_
_chem_comp.id
_chem_comp.type
_chem_comp.name
_chem_comp.formula
EDO non-polymer 1,2-ETHANEDIOL 'C2 H6 O2'
LV4 non-polymer 1-[2-(trifluoromethyloxy)phenyl]thiourea 'C8 H7 F3 N2 O S'
SO4 non-polymer 'SULFATE ION' 'O4 S -2'
#
# COMPACT_ATOMS: atom_id res chain seq x y z
N ILE A 5 -1.97 3.66 -28.15
CA ILE A 5 -1.88 4.36 -26.83
C ILE A 5 -2.05 5.87 -27.11
N LYS A 6 -3.19 6.45 -26.73
CA LYS A 6 -3.54 7.87 -27.01
C LYS A 6 -2.73 8.76 -26.05
N GLN A 7 -2.12 9.84 -26.58
CA GLN A 7 -0.94 10.57 -26.01
C GLN A 7 -1.33 11.46 -24.82
N GLY A 8 -2.38 11.10 -24.10
CA GLY A 8 -2.43 11.32 -22.65
C GLY A 8 -3.81 11.03 -22.11
N ILE A 9 -4.51 12.13 -21.87
CA ILE A 9 -5.57 12.29 -20.86
C ILE A 9 -6.83 12.65 -21.63
N ARG A 10 -7.95 12.02 -21.26
CA ARG A 10 -9.30 12.25 -21.86
C ARG A 10 -10.34 12.14 -20.76
N GLU A 11 -11.44 12.88 -20.91
CA GLU A 11 -12.59 12.86 -19.98
C GLU A 11 -13.60 11.84 -20.53
N VAL A 12 -14.29 11.12 -19.66
CA VAL A 12 -15.41 10.24 -20.04
C VAL A 12 -16.59 10.55 -19.12
N ILE A 13 -17.80 10.47 -19.65
CA ILE A 13 -19.07 10.66 -18.89
C ILE A 13 -19.77 9.31 -18.81
N LEU A 14 -20.08 8.84 -17.63
CA LEU A 14 -20.67 7.48 -17.47
C LEU A 14 -22.07 7.69 -16.96
N CYS A 15 -22.98 6.79 -17.33
CA CYS A 15 -24.34 6.69 -16.76
C CYS A 15 -24.54 5.23 -16.38
N LYS A 16 -24.70 4.98 -15.08
CA LYS A 16 -25.13 3.70 -14.47
C LYS A 16 -26.34 3.13 -15.21
N ASP A 17 -26.29 1.86 -15.59
CA ASP A 17 -27.36 1.13 -16.32
C ASP A 17 -28.52 0.88 -15.35
N GLN A 18 -29.46 0.01 -15.75
CA GLN A 18 -30.76 -0.17 -15.07
C GLN A 18 -30.53 -0.79 -13.70
N ASP A 19 -29.51 -1.64 -13.61
CA ASP A 19 -29.13 -2.37 -12.36
C ASP A 19 -28.24 -1.52 -11.44
N GLY A 20 -27.97 -0.27 -11.82
CA GLY A 20 -27.07 0.63 -11.08
C GLY A 20 -25.61 0.25 -11.27
N LYS A 21 -25.25 -0.33 -12.41
CA LYS A 21 -23.90 -0.89 -12.67
C LYS A 21 -23.19 -0.04 -13.73
N ILE A 22 -21.85 0.05 -13.67
CA ILE A 22 -21.07 0.70 -14.78
C ILE A 22 -20.24 -0.32 -15.54
N GLY A 23 -19.92 -1.47 -14.93
CA GLY A 23 -19.25 -2.59 -15.59
C GLY A 23 -17.73 -2.62 -15.38
N LEU A 24 -17.28 -2.27 -14.19
CA LEU A 24 -15.90 -1.86 -13.93
C LEU A 24 -15.43 -2.42 -12.58
N ARG A 25 -14.27 -3.02 -12.58
CA ARG A 25 -13.44 -3.28 -11.38
C ARG A 25 -12.09 -2.56 -11.57
N LEU A 26 -11.57 -2.05 -10.45
CA LEU A 26 -10.42 -1.16 -10.34
C LEU A 26 -9.39 -1.78 -9.41
N LYS A 27 -8.12 -1.44 -9.63
CA LYS A 27 -6.98 -1.97 -8.84
C LYS A 27 -5.98 -0.86 -8.53
N SER A 28 -5.63 -0.70 -7.26
CA SER A 28 -4.49 0.11 -6.78
C SER A 28 -3.17 -0.51 -7.28
N ILE A 29 -2.42 0.23 -8.11
CA ILE A 29 -1.02 -0.10 -8.52
C ILE A 29 -0.14 1.16 -8.32
N ASP A 30 0.93 1.06 -7.53
CA ASP A 30 1.97 2.13 -7.44
C ASP A 30 1.29 3.46 -7.07
N ASN A 31 0.25 3.39 -6.23
CA ASN A 31 -0.57 4.51 -5.70
C ASN A 31 -1.40 5.17 -6.83
N GLY A 32 -1.61 4.47 -7.93
CA GLY A 32 -2.61 4.86 -8.93
C GLY A 32 -3.84 3.98 -8.87
N ILE A 33 -4.80 4.26 -9.74
CA ILE A 33 -6.00 3.40 -9.93
C ILE A 33 -6.06 3.02 -11.40
N PHE A 34 -6.13 1.73 -11.65
CA PHE A 34 -6.07 1.12 -13.00
C PHE A 34 -7.30 0.25 -13.22
N VAL A 35 -7.73 0.19 -14.47
CA VAL A 35 -8.86 -0.69 -14.88
C VAL A 35 -8.35 -2.15 -14.88
N GLN A 36 -8.99 -3.00 -14.08
CA GLN A 36 -8.71 -4.46 -13.96
C GLN A 36 -9.69 -5.25 -14.84
N LEU A 37 -10.92 -4.78 -14.98
CA LEU A 37 -11.96 -5.50 -15.77
C LEU A 37 -13.01 -4.54 -16.32
N VAL A 38 -13.25 -4.62 -17.64
CA VAL A 38 -14.39 -3.95 -18.33
C VAL A 38 -15.39 -5.00 -18.81
N GLN A 39 -16.61 -4.96 -18.24
CA GLN A 39 -17.71 -5.93 -18.51
C GLN A 39 -18.35 -5.60 -19.87
N ALA A 40 -18.61 -6.61 -20.71
CA ALA A 40 -19.24 -6.44 -22.03
C ALA A 40 -20.61 -5.75 -21.88
N ASN A 41 -21.04 -4.97 -22.87
CA ASN A 41 -22.37 -4.27 -22.92
C ASN A 41 -22.62 -3.50 -21.62
N SER A 42 -21.62 -2.85 -21.06
CA SER A 42 -21.80 -2.00 -19.85
C SER A 42 -21.60 -0.55 -20.22
N PRO A 43 -21.94 0.39 -19.33
CA PRO A 43 -21.59 1.79 -19.54
C PRO A 43 -20.08 1.99 -19.76
N ALA A 44 -19.23 1.24 -19.03
CA ALA A 44 -17.77 1.41 -19.11
C ALA A 44 -17.29 0.99 -20.49
N SER A 45 -17.87 -0.03 -21.14
CA SER A 45 -17.46 -0.40 -22.53
C SER A 45 -18.01 0.62 -23.55
N LEU A 46 -19.22 1.15 -23.34
CA LEU A 46 -19.87 2.08 -24.29
C LEU A 46 -18.97 3.28 -24.49
N VAL A 47 -18.57 3.93 -23.38
CA VAL A 47 -17.72 5.15 -23.36
C VAL A 47 -16.26 4.80 -23.70
N GLY A 48 -15.88 3.52 -23.76
CA GLY A 48 -14.58 3.13 -24.33
C GLY A 48 -13.50 2.83 -23.31
N LEU A 49 -13.82 2.61 -22.03
CA LEU A 49 -12.81 2.26 -20.99
C LEU A 49 -12.14 0.93 -21.38
N ARG A 50 -10.86 0.76 -20.99
CA ARG A 50 -9.98 -0.35 -21.46
C ARG A 50 -9.22 -0.96 -20.25
N PHE A 51 -8.98 -2.28 -20.28
CA PHE A 51 -7.98 -2.90 -19.37
C PHE A 51 -6.67 -2.09 -19.46
N GLY A 52 -6.12 -1.72 -18.28
CA GLY A 52 -4.84 -1.01 -18.09
C GLY A 52 -4.99 0.51 -18.06
N ASP A 53 -6.16 1.02 -18.44
CA ASP A 53 -6.45 2.46 -18.39
C ASP A 53 -6.19 2.93 -16.96
N GLN A 54 -5.71 4.17 -16.81
CA GLN A 54 -5.50 4.75 -15.48
C GLN A 54 -6.65 5.71 -15.22
N VAL A 55 -7.23 5.68 -14.04
CA VAL A 55 -8.28 6.62 -13.57
C VAL A 55 -7.64 7.70 -12.69
N LEU A 56 -7.49 8.91 -13.21
CA LEU A 56 -6.84 10.01 -12.49
C LEU A 56 -7.86 10.62 -11.55
N GLN A 57 -9.04 10.92 -12.10
CA GLN A 57 -10.16 11.50 -11.33
C GLN A 57 -11.48 10.78 -11.60
N ILE A 58 -12.30 10.83 -10.55
CA ILE A 58 -13.70 10.38 -10.47
C ILE A 58 -14.44 11.57 -9.89
N ASN A 59 -15.36 12.15 -10.64
CA ASN A 59 -16.16 13.30 -10.18
C ASN A 59 -15.21 14.37 -9.63
N GLY A 60 -14.08 14.59 -10.32
CA GLY A 60 -13.16 15.71 -10.07
C GLY A 60 -12.32 15.53 -8.82
N GLU A 61 -12.42 14.39 -8.15
CA GLU A 61 -11.52 13.97 -7.05
C GLU A 61 -10.37 13.11 -7.61
N ASN A 62 -9.13 13.39 -7.17
CA ASN A 62 -7.91 12.61 -7.48
C ASN A 62 -8.00 11.20 -6.92
N CYS A 63 -7.57 10.18 -7.65
CA CYS A 63 -7.57 8.80 -7.12
C CYS A 63 -6.22 8.46 -6.48
N ALA A 64 -5.21 9.34 -6.51
CA ALA A 64 -3.88 9.02 -5.97
C ALA A 64 -4.01 8.37 -4.56
N GLY A 65 -3.38 7.21 -4.39
CA GLY A 65 -3.22 6.56 -3.08
C GLY A 65 -4.50 5.90 -2.55
N TRP A 66 -5.57 5.83 -3.35
CA TRP A 66 -6.80 5.12 -2.95
C TRP A 66 -6.55 3.61 -2.90
N SER A 67 -7.11 2.93 -1.90
CA SER A 67 -7.29 1.45 -1.94
C SER A 67 -8.22 1.09 -3.10
N SER A 68 -8.09 -0.11 -3.65
CA SER A 68 -9.12 -0.75 -4.50
C SER A 68 -10.49 -0.70 -3.78
N ASP A 69 -10.54 -1.00 -2.47
CA ASP A 69 -11.83 -0.90 -1.74
C ASP A 69 -12.42 0.49 -1.92
N LYS A 70 -11.68 1.55 -1.57
CA LYS A 70 -12.19 2.95 -1.58
C LYS A 70 -12.64 3.37 -2.99
N ALA A 71 -11.87 3.03 -4.02
CA ALA A 71 -12.23 3.36 -5.41
C ALA A 71 -13.62 2.81 -5.69
N HIS A 72 -13.87 1.53 -5.39
CA HIS A 72 -15.18 0.83 -5.55
C HIS A 72 -16.27 1.46 -4.67
N LYS A 73 -15.95 1.73 -3.40
CA LYS A 73 -16.88 2.44 -2.51
C LYS A 73 -17.26 3.77 -3.16
N VAL A 74 -16.31 4.63 -3.54
CA VAL A 74 -16.65 5.94 -4.22
C VAL A 74 -17.65 5.66 -5.35
N LEU A 75 -17.37 4.71 -6.22
CA LEU A 75 -18.25 4.45 -7.40
C LEU A 75 -19.65 4.08 -6.89
N LYS A 76 -19.74 3.41 -5.74
CA LYS A 76 -21.04 2.92 -5.21
C LYS A 76 -21.92 4.11 -4.82
N GLN A 77 -21.33 5.15 -4.21
CA GLN A 77 -22.07 6.27 -3.58
C GLN A 77 -22.25 7.44 -4.55
N ALA A 78 -21.97 7.27 -5.84
CA ALA A 78 -22.11 8.31 -6.89
C ALA A 78 -23.57 8.36 -7.39
N PHE A 79 -24.21 9.54 -7.30
CA PHE A 79 -25.54 9.83 -7.91
C PHE A 79 -25.46 9.55 -9.42
N GLY A 80 -25.23 8.28 -9.77
CA GLY A 80 -24.71 7.78 -11.06
C GLY A 80 -25.48 8.28 -12.29
N GLU A 81 -26.44 9.18 -12.10
CA GLU A 81 -27.12 9.89 -13.22
C GLU A 81 -26.04 10.37 -14.19
N LYS A 82 -24.86 10.68 -13.65
CA LYS A 82 -23.69 11.21 -14.42
C LYS A 82 -22.42 11.03 -13.57
N ILE A 83 -21.40 10.39 -14.13
CA ILE A 83 -20.08 10.16 -13.47
C ILE A 83 -19.00 10.59 -14.46
N THR A 84 -18.22 11.61 -14.11
CA THR A 84 -17.05 12.02 -14.92
C THR A 84 -15.86 11.20 -14.45
N MET A 85 -14.99 10.85 -15.36
CA MET A 85 -13.71 10.23 -15.01
C MET A 85 -12.65 10.89 -15.89
N THR A 86 -11.48 11.14 -15.32
CA THR A 86 -10.30 11.56 -16.11
C THR A 86 -9.44 10.32 -16.29
N ILE A 87 -9.12 9.99 -17.53
CA ILE A 87 -8.46 8.72 -17.97
C ILE A 87 -7.12 9.08 -18.64
N ARG A 88 -6.05 8.38 -18.26
CA ARG A 88 -4.81 8.26 -19.06
C ARG A 88 -4.81 6.89 -19.75
N ASP A 89 -4.62 6.86 -21.07
CA ASP A 89 -4.72 5.65 -21.89
C ASP A 89 -3.58 4.66 -21.58
N ARG A 90 -3.97 3.40 -21.37
CA ARG A 90 -3.10 2.25 -20.95
C ARG A 90 -1.63 2.67 -20.74
N PRO A 91 -1.29 3.40 -19.66
CA PRO A 91 0.06 3.89 -19.47
C PRO A 91 1.14 2.81 -19.38
N PHE A 92 0.81 1.61 -18.90
CA PHE A 92 1.72 0.44 -18.77
C PHE A 92 1.81 -0.36 -20.08
N GLU A 93 1.17 0.07 -21.17
CA GLU A 93 1.19 -0.79 -22.38
C GLU A 93 1.90 -0.10 -23.52
N ARG A 94 2.31 -0.91 -24.49
CA ARG A 94 2.88 -0.45 -25.78
C ARG A 94 2.24 -1.26 -26.91
N THR A 95 2.23 -0.68 -28.12
CA THR A 95 1.67 -1.30 -29.34
C THR A 95 2.79 -1.54 -30.35
N ILE A 96 2.84 -2.74 -30.93
CA ILE A 96 3.83 -3.20 -31.94
C ILE A 96 3.06 -3.64 -33.18
N THR A 97 3.46 -3.17 -34.37
CA THR A 97 2.84 -3.58 -35.67
C THR A 97 3.76 -4.60 -36.35
N MET A 98 3.24 -5.75 -36.73
CA MET A 98 4.03 -6.77 -37.49
C MET A 98 3.30 -7.08 -38.80
N HIS A 99 4.00 -7.75 -39.70
CA HIS A 99 3.48 -8.18 -41.03
C HIS A 99 3.68 -9.70 -41.13
N LYS A 100 2.61 -10.48 -41.41
CA LYS A 100 2.73 -11.94 -41.57
C LYS A 100 3.59 -12.16 -42.81
N ASP A 101 4.21 -13.34 -42.90
CA ASP A 101 5.10 -13.75 -44.01
C ASP A 101 4.29 -14.59 -45.01
N SER A 102 4.95 -15.50 -45.73
CA SER A 102 4.35 -16.43 -46.71
C SER A 102 3.51 -17.47 -45.97
N THR A 103 4.12 -18.15 -45.00
CA THR A 103 3.54 -19.27 -44.21
C THR A 103 2.55 -18.72 -43.18
N GLY A 104 2.23 -17.42 -43.27
CA GLY A 104 1.18 -16.73 -42.48
C GLY A 104 1.60 -16.44 -41.04
N HIS A 105 2.90 -16.29 -40.77
CA HIS A 105 3.47 -16.11 -39.39
C HIS A 105 3.87 -14.65 -39.12
N VAL A 106 3.83 -14.24 -37.85
CA VAL A 106 4.44 -12.95 -37.39
C VAL A 106 5.75 -13.26 -36.64
N GLY A 107 5.82 -14.42 -36.00
CA GLY A 107 7.07 -15.11 -35.64
C GLY A 107 7.40 -14.99 -34.16
N PHE A 108 6.43 -15.27 -33.29
CA PHE A 108 6.66 -15.62 -31.87
C PHE A 108 5.88 -16.88 -31.46
N ILE A 109 6.24 -17.34 -30.26
CA ILE A 109 5.49 -18.34 -29.46
C ILE A 109 5.03 -17.66 -28.17
N PHE A 110 3.79 -17.94 -27.76
CA PHE A 110 3.13 -17.45 -26.53
C PHE A 110 2.50 -18.66 -25.80
N LYS A 111 2.47 -18.61 -24.47
CA LYS A 111 1.70 -19.54 -23.59
C LYS A 111 1.05 -18.77 -22.44
N ASN A 112 -0.27 -18.96 -22.25
CA ASN A 112 -1.17 -18.26 -21.27
C ASN A 112 -1.18 -16.77 -21.58
N GLY A 113 -1.17 -16.41 -22.87
CA GLY A 113 -1.15 -15.01 -23.34
C GLY A 113 0.23 -14.35 -23.26
N LYS A 114 1.20 -15.00 -22.61
CA LYS A 114 2.57 -14.46 -22.36
C LYS A 114 3.51 -14.87 -23.49
N ILE A 115 4.15 -13.92 -24.18
CA ILE A 115 5.13 -14.26 -25.26
C ILE A 115 6.38 -14.88 -24.63
N THR A 116 6.82 -16.05 -25.08
CA THR A 116 7.91 -16.83 -24.41
C THR A 116 9.17 -16.92 -25.25
N SER A 117 9.06 -17.02 -26.56
CA SER A 117 10.20 -16.81 -27.50
C SER A 117 9.76 -16.05 -28.77
N ILE A 118 10.75 -15.40 -29.39
CA ILE A 118 10.74 -14.73 -30.73
C ILE A 118 11.52 -15.63 -31.67
N VAL A 119 11.11 -15.66 -32.95
CA VAL A 119 11.62 -16.63 -33.97
C VAL A 119 12.54 -15.88 -34.94
N LYS A 120 13.64 -16.53 -35.32
CA LYS A 120 14.75 -15.94 -36.10
C LYS A 120 14.20 -15.23 -37.35
N ASP A 121 14.86 -14.14 -37.75
CA ASP A 121 14.57 -13.28 -38.94
C ASP A 121 13.06 -13.28 -39.23
N SER A 122 12.25 -12.93 -38.22
CA SER A 122 10.78 -12.75 -38.33
C SER A 122 10.43 -11.26 -38.19
N SER A 123 9.18 -10.89 -38.48
CA SER A 123 8.67 -9.51 -38.30
C SER A 123 8.70 -9.17 -36.82
N ALA A 124 8.35 -10.14 -35.96
CA ALA A 124 8.47 -10.05 -34.48
C ALA A 124 9.92 -9.69 -34.10
N ALA A 125 10.92 -10.32 -34.73
CA ALA A 125 12.34 -10.02 -34.49
C ALA A 125 12.61 -8.60 -35.02
N ARG A 126 12.22 -8.31 -36.27
CA ARG A 126 12.55 -7.00 -36.91
C ARG A 126 11.93 -5.86 -36.12
N ASN A 127 10.82 -6.09 -35.41
CA ASN A 127 10.02 -5.04 -34.72
C ASN A 127 10.31 -5.01 -33.22
N GLY A 128 11.16 -5.92 -32.74
CA GLY A 128 11.67 -5.93 -31.37
C GLY A 128 10.62 -6.34 -30.36
N LEU A 129 9.79 -7.33 -30.73
CA LEU A 129 8.85 -7.98 -29.78
C LEU A 129 9.64 -8.57 -28.61
N LEU A 130 9.17 -8.33 -27.39
CA LEU A 130 9.85 -8.75 -26.16
C LEU A 130 9.16 -9.99 -25.64
N THR A 131 9.92 -10.82 -24.97
CA THR A 131 9.35 -11.98 -24.24
C THR A 131 9.01 -11.50 -22.84
N GLU A 132 8.43 -12.38 -22.03
CA GLU A 132 8.00 -12.06 -20.67
C GLU A 132 6.95 -10.93 -20.73
N HIS A 133 6.22 -10.80 -21.84
CA HIS A 133 5.20 -9.74 -22.04
C HIS A 133 3.83 -10.38 -22.32
N ASN A 134 2.80 -10.01 -21.58
CA ASN A 134 1.42 -10.57 -21.74
C ASN A 134 0.72 -9.88 -22.89
N ILE A 135 0.01 -10.64 -23.74
CA ILE A 135 -0.84 -10.09 -24.83
C ILE A 135 -2.16 -9.57 -24.24
N CYS A 136 -2.36 -8.27 -24.32
CA CYS A 136 -3.55 -7.52 -23.81
C CYS A 136 -4.58 -7.33 -24.94
N GLU A 137 -4.12 -7.14 -26.16
CA GLU A 137 -5.05 -6.93 -27.29
C GLU A 137 -4.40 -7.38 -28.60
N ILE A 138 -5.22 -7.66 -29.60
CA ILE A 138 -4.79 -7.94 -31.00
C ILE A 138 -5.73 -7.13 -31.88
N ASN A 139 -5.20 -6.36 -32.82
CA ASN A 139 -5.95 -5.35 -33.59
C ASN A 139 -7.06 -4.79 -32.70
N GLY A 140 -6.70 -4.10 -31.61
CA GLY A 140 -7.64 -3.31 -30.80
C GLY A 140 -8.69 -4.15 -30.09
N GLN A 141 -8.67 -5.47 -30.25
CA GLN A 141 -9.61 -6.38 -29.54
C GLN A 141 -8.99 -6.91 -28.25
N ASN A 142 -9.57 -6.63 -27.10
CA ASN A 142 -9.08 -7.22 -25.84
C ASN A 142 -9.16 -8.75 -25.96
N VAL A 143 -8.11 -9.50 -25.58
CA VAL A 143 -8.00 -10.99 -25.72
C VAL A 143 -7.65 -11.60 -24.36
N ILE A 144 -7.90 -10.86 -23.29
CA ILE A 144 -7.39 -11.29 -21.98
C ILE A 144 -8.21 -12.46 -21.44
N GLY A 145 -7.60 -13.64 -21.39
CA GLY A 145 -8.16 -14.81 -20.69
C GLY A 145 -8.99 -15.69 -21.63
N LEU A 146 -9.08 -15.32 -22.92
CA LEU A 146 -9.37 -16.27 -24.02
C LEU A 146 -8.37 -17.41 -23.89
N LYS A 147 -8.68 -18.62 -24.38
CA LYS A 147 -7.69 -19.73 -24.40
C LYS A 147 -6.59 -19.33 -25.41
N ASP A 148 -5.44 -19.98 -25.41
CA ASP A 148 -4.36 -19.65 -26.38
C ASP A 148 -4.90 -19.92 -27.79
N SER A 149 -5.66 -21.02 -27.94
CA SER A 149 -6.18 -21.48 -29.24
C SER A 149 -7.00 -20.37 -29.89
N GLN A 150 -7.80 -19.63 -29.10
CA GLN A 150 -8.69 -18.54 -29.62
C GLN A 150 -7.83 -17.32 -30.02
N ILE A 151 -6.76 -17.06 -29.27
CA ILE A 151 -5.72 -16.02 -29.58
C ILE A 151 -5.07 -16.35 -30.95
N ALA A 152 -4.62 -17.61 -31.13
CA ALA A 152 -4.11 -18.13 -32.43
C ALA A 152 -5.13 -17.82 -33.53
N ASP A 153 -6.41 -18.06 -33.25
CA ASP A 153 -7.55 -17.91 -34.20
C ASP A 153 -7.71 -16.44 -34.57
N ILE A 154 -7.70 -15.49 -33.63
CA ILE A 154 -7.80 -14.05 -33.99
C ILE A 154 -6.62 -13.67 -34.92
N LEU A 155 -5.45 -14.29 -34.74
CA LEU A 155 -4.22 -13.93 -35.51
C LEU A 155 -4.29 -14.49 -36.93
N SER A 156 -4.75 -15.73 -37.08
CA SER A 156 -4.98 -16.40 -38.40
C SER A 156 -6.02 -15.63 -39.19
N THR A 157 -7.11 -15.21 -38.56
CA THR A 157 -8.29 -14.60 -39.24
C THR A 157 -8.15 -13.08 -39.19
N SER A 158 -6.92 -12.61 -39.06
CA SER A 158 -6.55 -11.18 -39.07
C SER A 158 -5.88 -10.85 -40.40
N GLY A 159 -5.95 -9.59 -40.81
CA GLY A 159 -5.23 -9.07 -41.98
C GLY A 159 -3.75 -9.41 -41.94
N THR A 160 -3.05 -9.20 -43.04
CA THR A 160 -1.59 -9.47 -43.13
C THR A 160 -0.85 -8.49 -42.19
N VAL A 161 -1.41 -7.31 -41.90
CA VAL A 161 -0.93 -6.34 -40.84
C VAL A 161 -1.52 -6.75 -39.48
N VAL A 162 -0.67 -6.88 -38.46
CA VAL A 162 -1.09 -7.34 -37.11
C VAL A 162 -0.53 -6.41 -36.05
N THR A 163 -1.43 -5.85 -35.25
CA THR A 163 -1.15 -4.80 -34.25
C THR A 163 -1.42 -5.38 -32.88
N ILE A 164 -0.36 -5.68 -32.13
CA ILE A 164 -0.46 -6.34 -30.80
C ILE A 164 -0.14 -5.30 -29.72
N THR A 165 -0.93 -5.32 -28.66
CA THR A 165 -0.74 -4.48 -27.46
C THR A 165 -0.29 -5.37 -26.31
N ILE A 166 0.93 -5.14 -25.80
CA ILE A 166 1.60 -5.99 -24.76
C ILE A 166 1.89 -5.17 -23.48
N MET A 167 2.00 -5.84 -22.36
CA MET A 167 2.25 -5.31 -21.00
C MET A 167 3.27 -6.24 -20.36
N PRO A 168 4.35 -5.74 -19.70
CA PRO A 168 5.29 -6.62 -18.97
C PRO A 168 4.62 -7.58 -17.99
N ALA A 169 5.05 -8.83 -18.03
CA ALA A 169 4.44 -9.89 -17.18
C ALA A 169 4.27 -9.45 -15.72
N PHE A 170 5.28 -8.82 -15.13
N PHE A 170 5.26 -8.77 -15.15
CA PHE A 170 5.25 -8.49 -13.67
CA PHE A 170 5.30 -8.45 -13.69
C PHE A 170 4.03 -7.62 -13.40
C PHE A 170 4.18 -7.48 -13.32
N ILE A 171 3.77 -6.65 -14.28
CA ILE A 171 2.70 -5.63 -14.08
C ILE A 171 1.34 -6.26 -14.39
N PHE A 172 1.24 -6.99 -15.50
CA PHE A 172 0.08 -7.86 -15.86
C PHE A 172 -0.36 -8.65 -14.62
N GLU A 173 0.59 -9.36 -14.02
CA GLU A 173 0.31 -10.31 -12.92
C GLU A 173 -0.07 -9.54 -11.64
N HIS A 174 0.30 -8.27 -11.51
CA HIS A 174 -0.10 -7.48 -10.30
C HIS A 174 -1.52 -6.91 -10.51
N ILE A 175 -1.94 -6.62 -11.75
CA ILE A 175 -3.27 -6.04 -12.06
C ILE A 175 -4.37 -7.12 -11.87
N ILE A 176 -4.21 -8.28 -12.49
CA ILE A 176 -5.25 -9.36 -12.56
C ILE A 176 -5.30 -10.20 -11.29
N LYS A 177 -4.42 -9.95 -10.31
CA LYS A 177 -4.34 -10.69 -9.03
C LYS A 177 -5.64 -10.50 -8.24
N ARG A 178 -6.15 -11.57 -7.64
CA ARG A 178 -7.43 -11.58 -6.85
C ARG A 178 -8.66 -11.42 -7.79
N MET A 179 -8.52 -11.71 -9.09
CA MET A 179 -9.63 -11.77 -10.08
C MET A 179 -9.66 -13.18 -10.67
N ALA A 180 -10.70 -13.96 -10.36
CA ALA A 180 -10.87 -15.38 -10.75
C ALA A 180 -10.71 -15.52 -12.26
N PRO A 181 -9.83 -16.43 -12.76
CA PRO A 181 -9.66 -16.62 -14.20
C PRO A 181 -10.96 -16.87 -14.99
N SER A 182 -12.01 -17.37 -14.33
CA SER A 182 -13.35 -17.64 -14.91
C SER A 182 -14.00 -16.34 -15.38
N ILE A 183 -13.88 -15.27 -14.57
CA ILE A 183 -14.49 -13.93 -14.81
C ILE A 183 -13.73 -13.24 -15.96
N MET A 184 -12.39 -13.31 -15.95
CA MET A 184 -11.47 -12.98 -17.08
C MET A 184 -12.07 -13.51 -18.38
N LYS A 185 -12.16 -14.85 -18.50
CA LYS A 185 -12.71 -15.57 -19.68
C LYS A 185 -14.18 -15.18 -19.91
N SER A 186 -14.99 -15.15 -18.84
CA SER A 186 -16.46 -15.09 -18.90
C SER A 186 -16.94 -13.68 -19.22
N LEU A 187 -16.44 -12.66 -18.50
CA LEU A 187 -17.13 -11.33 -18.38
C LEU A 187 -16.36 -10.17 -19.03
N MET A 188 -15.02 -10.20 -19.09
CA MET A 188 -14.17 -9.17 -19.77
C MET A 188 -14.61 -8.96 -21.23
N ASP A 189 -14.93 -7.69 -21.55
CA ASP A 189 -15.31 -7.23 -22.90
C ASP A 189 -14.23 -7.67 -23.90
N HIS A 190 -14.58 -8.55 -24.83
CA HIS A 190 -13.69 -9.10 -25.89
C HIS A 190 -14.20 -8.70 -27.26
N THR A 191 -15.11 -7.74 -27.32
CA THR A 191 -15.78 -7.35 -28.60
C THR A 191 -14.97 -6.23 -29.24
N ILE A 192 -15.04 -6.18 -30.57
CA ILE A 192 -14.75 -4.98 -31.40
C ILE A 192 -15.67 -3.89 -30.85
N PRO A 193 -15.20 -2.63 -30.67
CA PRO A 193 -16.06 -1.53 -30.20
C PRO A 193 -17.08 -1.00 -31.24
N GLU A 194 -18.17 -0.40 -30.76
CA GLU A 194 -19.35 0.03 -31.57
C GLU A 194 -19.15 1.46 -32.06
N VAL A 195 -19.86 1.86 -33.12
CA VAL A 195 -19.81 3.24 -33.69
C VAL A 195 -21.24 3.74 -33.94
N ALA B 3 -33.81 -7.82 16.62
CA ALA B 3 -33.45 -9.28 16.49
C ALA B 3 -34.63 -10.11 15.95
N GLU B 4 -35.86 -9.55 15.92
CA GLU B 4 -37.12 -10.26 15.57
C GLU B 4 -36.99 -10.86 14.16
N ILE B 5 -37.41 -12.12 13.98
CA ILE B 5 -37.43 -12.80 12.64
C ILE B 5 -38.40 -12.02 11.72
N LYS B 6 -37.98 -11.68 10.50
CA LYS B 6 -38.82 -10.88 9.57
C LYS B 6 -39.55 -11.83 8.60
N GLN B 7 -40.88 -11.74 8.56
CA GLN B 7 -41.73 -12.45 7.57
C GLN B 7 -41.39 -11.95 6.15
N GLY B 8 -41.38 -12.84 5.18
CA GLY B 8 -41.05 -12.50 3.80
C GLY B 8 -39.56 -12.29 3.57
N ILE B 9 -39.29 -11.62 2.46
CA ILE B 9 -38.03 -11.69 1.68
C ILE B 9 -37.46 -10.28 1.60
N ARG B 10 -36.14 -10.14 1.60
CA ARG B 10 -35.50 -8.84 1.28
C ARG B 10 -34.44 -9.05 0.21
N GLU B 11 -34.12 -8.02 -0.56
CA GLU B 11 -33.00 -8.08 -1.54
C GLU B 11 -31.78 -7.43 -0.89
N VAL B 12 -30.63 -8.11 -0.80
CA VAL B 12 -29.33 -7.50 -0.37
C VAL B 12 -28.38 -7.45 -1.58
N ILE B 13 -27.57 -6.38 -1.67
CA ILE B 13 -26.53 -6.09 -2.72
C ILE B 13 -25.13 -6.05 -2.09
N LEU B 14 -24.16 -6.81 -2.61
CA LEU B 14 -22.77 -6.90 -2.09
C LEU B 14 -21.79 -6.53 -3.20
N CYS B 15 -20.72 -5.82 -2.81
CA CYS B 15 -19.48 -5.63 -3.58
C CYS B 15 -18.48 -6.68 -3.09
N LYS B 16 -17.95 -7.54 -3.96
CA LYS B 16 -16.73 -8.30 -3.62
C LYS B 16 -15.62 -7.34 -3.15
N ASP B 17 -14.91 -7.67 -2.07
CA ASP B 17 -13.76 -6.87 -1.56
C ASP B 17 -12.55 -7.04 -2.51
N GLN B 18 -11.43 -6.42 -2.17
CA GLN B 18 -10.26 -6.34 -3.09
C GLN B 18 -9.48 -7.65 -3.07
N ASP B 19 -9.73 -8.59 -2.15
CA ASP B 19 -9.16 -9.96 -2.26
C ASP B 19 -10.11 -10.88 -3.02
N GLY B 20 -11.27 -10.41 -3.47
CA GLY B 20 -12.21 -11.20 -4.30
C GLY B 20 -13.24 -11.94 -3.45
N LYS B 21 -13.37 -11.58 -2.16
CA LYS B 21 -14.17 -12.28 -1.13
C LYS B 21 -15.47 -11.57 -0.77
N ILE B 22 -16.48 -12.35 -0.38
CA ILE B 22 -17.77 -11.89 0.22
C ILE B 22 -17.73 -12.19 1.72
N GLY B 23 -17.02 -13.30 2.06
CA GLY B 23 -17.01 -13.84 3.43
C GLY B 23 -18.35 -14.51 3.79
N LEU B 24 -18.73 -15.48 2.89
CA LEU B 24 -19.88 -16.39 3.16
C LEU B 24 -19.44 -17.84 3.05
N ARG B 25 -19.95 -18.68 3.94
CA ARG B 25 -20.08 -20.13 3.66
C ARG B 25 -21.58 -20.44 3.54
N LEU B 26 -21.92 -21.21 2.50
CA LEU B 26 -23.28 -21.63 2.18
C LEU B 26 -23.30 -23.13 2.38
N LYS B 27 -24.45 -23.66 2.83
CA LYS B 27 -24.69 -25.11 3.00
C LYS B 27 -26.11 -25.41 2.53
N SER B 28 -26.22 -26.36 1.60
CA SER B 28 -27.43 -27.14 1.25
C SER B 28 -28.10 -27.79 2.49
N ILE B 29 -29.32 -27.33 2.83
CA ILE B 29 -30.31 -27.93 3.79
C ILE B 29 -31.72 -28.04 3.15
N ASP B 30 -32.22 -29.26 2.99
CA ASP B 30 -33.61 -29.62 2.62
C ASP B 30 -33.91 -29.03 1.24
N ASN B 31 -32.88 -29.05 0.39
CA ASN B 31 -32.84 -28.46 -0.98
C ASN B 31 -33.02 -26.95 -0.93
N GLY B 32 -32.69 -26.33 0.21
CA GLY B 32 -32.43 -24.88 0.22
C GLY B 32 -30.94 -24.68 0.36
N ILE B 33 -30.54 -23.40 0.42
CA ILE B 33 -29.17 -22.94 0.72
C ILE B 33 -29.25 -21.99 1.90
N PHE B 34 -28.44 -22.24 2.94
CA PHE B 34 -28.42 -21.37 4.15
C PHE B 34 -27.00 -20.93 4.47
N VAL B 35 -26.94 -19.77 5.11
CA VAL B 35 -25.66 -19.16 5.54
C VAL B 35 -25.14 -20.02 6.71
N GLN B 36 -23.95 -20.62 6.62
CA GLN B 36 -23.36 -21.36 7.77
C GLN B 36 -22.24 -20.57 8.44
N LEU B 37 -21.59 -19.64 7.73
CA LEU B 37 -20.61 -18.67 8.32
C LEU B 37 -20.80 -17.31 7.67
N VAL B 38 -20.78 -16.26 8.47
CA VAL B 38 -20.53 -14.84 8.02
C VAL B 38 -19.21 -14.35 8.65
N GLN B 39 -18.32 -13.71 7.88
CA GLN B 39 -16.99 -13.25 8.42
C GLN B 39 -17.10 -11.82 8.96
N ALA B 40 -16.51 -11.56 10.12
CA ALA B 40 -16.38 -10.18 10.65
C ALA B 40 -15.77 -9.31 9.56
N ASN B 41 -16.12 -8.02 9.53
CA ASN B 41 -15.62 -7.04 8.50
C ASN B 41 -15.46 -7.77 7.16
N SER B 42 -16.55 -8.23 6.58
CA SER B 42 -16.61 -8.71 5.17
C SER B 42 -17.75 -7.95 4.51
N PRO B 43 -17.84 -7.94 3.17
CA PRO B 43 -19.05 -7.40 2.54
C PRO B 43 -20.27 -8.03 3.24
N ALA B 44 -20.27 -9.35 3.46
CA ALA B 44 -21.40 -10.09 4.10
C ALA B 44 -21.84 -9.45 5.44
N SER B 45 -20.96 -9.27 6.45
CA SER B 45 -21.29 -8.57 7.72
C SER B 45 -21.84 -7.17 7.41
N LEU B 46 -21.17 -6.38 6.58
CA LEU B 46 -21.56 -4.95 6.39
C LEU B 46 -23.00 -4.82 5.87
N VAL B 47 -23.45 -5.70 4.97
CA VAL B 47 -24.87 -5.69 4.46
C VAL B 47 -25.82 -6.48 5.40
N GLY B 48 -25.34 -7.09 6.47
CA GLY B 48 -26.26 -7.60 7.50
C GLY B 48 -26.71 -9.03 7.25
N LEU B 49 -26.05 -9.76 6.35
CA LEU B 49 -26.30 -11.23 6.24
C LEU B 49 -25.95 -11.89 7.58
N ARG B 50 -26.63 -12.98 7.89
CA ARG B 50 -26.59 -13.61 9.23
C ARG B 50 -26.62 -15.13 9.12
N PHE B 51 -25.97 -15.72 10.11
CA PHE B 51 -26.03 -17.18 10.31
C PHE B 51 -27.52 -17.52 10.33
N GLY B 52 -27.91 -18.45 9.47
CA GLY B 52 -29.25 -19.02 9.46
C GLY B 52 -30.04 -18.49 8.28
N ASP B 53 -29.64 -17.32 7.70
CA ASP B 53 -30.36 -16.75 6.53
C ASP B 53 -30.45 -17.81 5.44
N GLN B 54 -31.61 -17.89 4.80
CA GLN B 54 -31.85 -18.68 3.56
C GLN B 54 -31.58 -17.71 2.40
N VAL B 55 -30.86 -18.22 1.39
CA VAL B 55 -30.62 -17.53 0.11
C VAL B 55 -31.48 -18.21 -0.94
N LEU B 56 -32.48 -17.46 -1.42
CA LEU B 56 -33.50 -17.94 -2.38
C LEU B 56 -32.91 -17.79 -3.76
N GLN B 57 -32.20 -16.67 -3.97
CA GLN B 57 -31.52 -16.42 -5.25
C GLN B 57 -30.20 -15.65 -5.12
N ILE B 58 -29.33 -15.91 -6.09
CA ILE B 58 -28.06 -15.19 -6.31
C ILE B 58 -28.11 -14.61 -7.72
N ASN B 59 -28.07 -13.29 -7.83
CA ASN B 59 -28.18 -12.63 -9.16
C ASN B 59 -29.42 -13.21 -9.88
N GLY B 60 -30.52 -13.48 -9.16
CA GLY B 60 -31.82 -13.84 -9.79
C GLY B 60 -31.87 -15.23 -10.41
N GLU B 61 -30.87 -16.08 -10.14
CA GLU B 61 -30.96 -17.55 -10.33
C GLU B 61 -31.45 -18.17 -9.01
N ASN B 62 -32.33 -19.18 -9.09
CA ASN B 62 -32.92 -19.87 -7.91
C ASN B 62 -31.89 -20.84 -7.29
N CYS B 63 -31.67 -20.76 -5.99
CA CYS B 63 -30.71 -21.61 -5.26
C CYS B 63 -31.29 -23.02 -5.02
N ALA B 64 -32.61 -23.21 -5.23
CA ALA B 64 -33.33 -24.49 -5.00
C ALA B 64 -32.50 -25.67 -5.53
N GLY B 65 -32.21 -26.62 -4.62
CA GLY B 65 -31.63 -27.91 -4.99
C GLY B 65 -30.13 -27.82 -5.25
N TRP B 66 -29.54 -26.64 -5.17
CA TRP B 66 -28.10 -26.51 -5.42
C TRP B 66 -27.34 -27.22 -4.30
N SER B 67 -26.31 -27.97 -4.64
CA SER B 67 -25.26 -28.38 -3.64
C SER B 67 -24.51 -27.16 -3.10
N SER B 68 -23.94 -27.31 -1.91
CA SER B 68 -22.98 -26.37 -1.27
C SER B 68 -21.86 -26.02 -2.26
N ASP B 69 -21.36 -27.01 -2.98
CA ASP B 69 -20.28 -26.84 -3.98
C ASP B 69 -20.77 -25.92 -5.10
N LYS B 70 -21.97 -26.18 -5.65
CA LYS B 70 -22.53 -25.36 -6.75
C LYS B 70 -22.64 -23.88 -6.32
N ALA B 71 -23.09 -23.64 -5.10
CA ALA B 71 -23.38 -22.30 -4.58
C ALA B 71 -22.07 -21.52 -4.41
N HIS B 72 -21.05 -22.17 -3.79
CA HIS B 72 -19.68 -21.63 -3.60
C HIS B 72 -19.03 -21.38 -4.96
N LYS B 73 -19.22 -22.30 -5.91
CA LYS B 73 -18.74 -22.08 -7.28
C LYS B 73 -19.43 -20.83 -7.84
N VAL B 74 -20.74 -20.66 -7.64
CA VAL B 74 -21.44 -19.49 -8.24
C VAL B 74 -20.88 -18.19 -7.60
N LEU B 75 -20.51 -18.21 -6.33
CA LEU B 75 -20.04 -16.98 -5.67
C LEU B 75 -18.61 -16.69 -6.14
N LYS B 76 -17.84 -17.72 -6.46
CA LYS B 76 -16.45 -17.57 -6.94
C LYS B 76 -16.49 -16.91 -8.32
N GLN B 77 -17.53 -17.16 -9.14
CA GLN B 77 -17.61 -16.75 -10.56
C GLN B 77 -18.34 -15.41 -10.71
N ALA B 78 -18.84 -14.83 -9.63
CA ALA B 78 -19.62 -13.56 -9.71
C ALA B 78 -18.71 -12.37 -10.04
N PHE B 79 -18.96 -11.59 -11.10
CA PHE B 79 -18.41 -10.22 -11.20
C PHE B 79 -18.65 -9.54 -9.86
N GLY B 80 -17.64 -8.93 -9.25
CA GLY B 80 -17.69 -8.50 -7.84
C GLY B 80 -18.32 -7.14 -7.66
N GLU B 81 -18.74 -6.50 -8.75
CA GLU B 81 -19.28 -5.12 -8.71
C GLU B 81 -20.60 -5.14 -7.94
N LYS B 82 -21.60 -5.86 -8.42
CA LYS B 82 -22.91 -5.98 -7.72
C LYS B 82 -23.38 -7.44 -7.73
N ILE B 83 -23.54 -8.01 -6.57
CA ILE B 83 -24.10 -9.37 -6.41
C ILE B 83 -25.42 -9.20 -5.67
N THR B 84 -26.52 -9.56 -6.32
CA THR B 84 -27.87 -9.49 -5.68
C THR B 84 -28.15 -10.83 -5.02
N MET B 85 -28.64 -10.73 -3.80
CA MET B 85 -29.11 -11.91 -3.08
C MET B 85 -30.53 -11.68 -2.57
N THR B 86 -31.39 -12.68 -2.76
CA THR B 86 -32.76 -12.65 -2.17
C THR B 86 -32.74 -13.54 -0.93
N ILE B 87 -33.14 -12.97 0.19
CA ILE B 87 -32.94 -13.55 1.53
C ILE B 87 -34.31 -13.73 2.19
N ARG B 88 -34.51 -14.87 2.87
CA ARG B 88 -35.53 -15.08 3.90
C ARG B 88 -34.76 -15.11 5.22
N ASP B 89 -35.12 -14.22 6.15
CA ASP B 89 -34.45 -14.00 7.45
C ASP B 89 -34.56 -15.26 8.32
N ARG B 90 -33.41 -15.84 8.68
CA ARG B 90 -33.23 -17.00 9.61
C ARG B 90 -34.48 -17.84 9.82
N PRO B 91 -34.97 -18.59 8.84
CA PRO B 91 -36.26 -19.25 8.95
C PRO B 91 -36.34 -20.39 9.98
N PHE B 92 -35.21 -20.98 10.33
CA PHE B 92 -35.17 -22.10 11.31
C PHE B 92 -35.08 -21.50 12.71
N GLU B 93 -35.09 -20.17 12.84
CA GLU B 93 -34.76 -19.56 14.14
C GLU B 93 -35.99 -18.85 14.66
N ARG B 94 -36.05 -18.63 15.95
CA ARG B 94 -37.08 -17.76 16.57
C ARG B 94 -36.33 -16.99 17.65
N THR B 95 -36.92 -15.91 18.14
CA THR B 95 -36.34 -15.22 19.30
C THR B 95 -37.36 -15.24 20.42
N ILE B 96 -36.88 -15.00 21.62
CA ILE B 96 -37.64 -15.02 22.88
C ILE B 96 -37.00 -13.94 23.74
N THR B 97 -37.83 -13.13 24.38
CA THR B 97 -37.46 -12.03 25.27
C THR B 97 -37.78 -12.39 26.72
N MET B 98 -36.84 -12.09 27.62
CA MET B 98 -36.81 -12.59 29.02
C MET B 98 -36.29 -11.49 29.95
N HIS B 99 -36.76 -11.44 31.21
CA HIS B 99 -36.34 -10.42 32.21
C HIS B 99 -35.51 -11.09 33.33
N LYS B 100 -34.30 -10.57 33.56
CA LYS B 100 -33.42 -11.01 34.64
C LYS B 100 -34.19 -10.80 35.95
N ASP B 101 -34.23 -11.79 36.83
CA ASP B 101 -34.80 -11.59 38.18
C ASP B 101 -33.79 -10.76 38.98
N SER B 102 -33.95 -10.63 40.30
CA SER B 102 -33.08 -9.76 41.14
C SER B 102 -31.65 -10.34 41.24
N THR B 103 -31.39 -11.57 40.77
CA THR B 103 -30.05 -12.22 40.81
C THR B 103 -29.42 -12.19 39.41
N GLY B 104 -30.07 -11.53 38.44
CA GLY B 104 -29.55 -11.36 37.08
C GLY B 104 -29.73 -12.61 36.22
N HIS B 105 -30.61 -13.53 36.63
CA HIS B 105 -30.85 -14.79 35.88
C HIS B 105 -32.14 -14.71 35.08
N VAL B 106 -32.13 -15.26 33.87
CA VAL B 106 -33.36 -15.45 33.05
C VAL B 106 -33.92 -16.87 33.27
N GLY B 107 -33.06 -17.84 33.60
CA GLY B 107 -33.48 -19.14 34.18
C GLY B 107 -33.27 -20.38 33.30
N PHE B 108 -32.08 -20.56 32.71
CA PHE B 108 -31.72 -21.82 32.01
C PHE B 108 -30.29 -22.29 32.37
N ILE B 109 -30.07 -23.58 32.13
CA ILE B 109 -28.73 -24.18 31.94
C ILE B 109 -28.44 -24.50 30.43
N PHE B 110 -27.18 -24.23 29.97
CA PHE B 110 -26.63 -24.63 28.63
C PHE B 110 -25.26 -25.31 28.79
N LYS B 111 -24.88 -26.13 27.81
CA LYS B 111 -23.53 -26.68 27.59
C LYS B 111 -23.30 -26.77 26.06
N ASN B 112 -22.02 -26.46 25.63
CA ASN B 112 -21.61 -26.22 24.22
C ASN B 112 -22.73 -25.40 23.54
N GLY B 113 -23.18 -24.36 24.24
CA GLY B 113 -24.19 -23.44 23.66
C GLY B 113 -25.54 -24.14 23.45
N LYS B 114 -25.77 -25.36 23.97
CA LYS B 114 -27.14 -25.91 23.83
C LYS B 114 -27.93 -25.74 25.13
N ILE B 115 -29.16 -25.21 25.09
CA ILE B 115 -30.02 -25.16 26.32
C ILE B 115 -30.35 -26.60 26.78
N THR B 116 -30.16 -26.91 28.08
CA THR B 116 -30.39 -28.30 28.60
C THR B 116 -31.45 -28.32 29.72
N SER B 117 -31.72 -27.23 30.39
CA SER B 117 -32.71 -27.25 31.49
C SER B 117 -33.25 -25.83 31.64
N ILE B 118 -34.51 -25.74 32.05
CA ILE B 118 -35.30 -24.53 32.35
C ILE B 118 -35.50 -24.48 33.87
N VAL B 119 -35.13 -23.37 34.49
CA VAL B 119 -35.35 -23.20 35.95
C VAL B 119 -36.83 -22.90 36.16
N LYS B 120 -37.41 -23.55 37.19
CA LYS B 120 -38.81 -23.36 37.67
C LYS B 120 -39.16 -21.87 37.91
N ASP B 121 -40.37 -21.47 37.56
CA ASP B 121 -40.95 -20.12 37.89
C ASP B 121 -40.00 -18.97 37.49
N SER B 122 -39.16 -19.16 36.48
CA SER B 122 -38.21 -18.14 35.93
C SER B 122 -38.87 -17.45 34.75
N SER B 123 -38.25 -16.36 34.30
CA SER B 123 -38.70 -15.67 33.06
C SER B 123 -38.63 -16.63 31.87
N ALA B 124 -37.58 -17.47 31.84
CA ALA B 124 -37.39 -18.51 30.80
C ALA B 124 -38.62 -19.43 30.73
N ALA B 125 -39.05 -19.97 31.88
CA ALA B 125 -40.32 -20.73 32.03
C ALA B 125 -41.54 -19.93 31.53
N ARG B 126 -41.77 -18.72 32.02
CA ARG B 126 -42.97 -17.91 31.66
C ARG B 126 -43.04 -17.76 30.14
N ASN B 127 -41.88 -17.60 29.44
CA ASN B 127 -41.85 -17.27 27.97
C ASN B 127 -41.65 -18.54 27.12
N GLY B 128 -41.68 -19.73 27.72
CA GLY B 128 -41.67 -21.06 27.05
C GLY B 128 -40.36 -21.33 26.30
N LEU B 129 -39.22 -21.04 26.94
CA LEU B 129 -37.92 -21.33 26.31
C LEU B 129 -37.86 -22.84 26.29
N LEU B 130 -37.41 -23.44 25.18
CA LEU B 130 -37.29 -24.90 24.97
C LEU B 130 -35.85 -25.35 25.21
N THR B 131 -35.66 -26.61 25.65
CA THR B 131 -34.35 -27.26 25.73
C THR B 131 -34.02 -27.85 24.37
N GLU B 132 -32.85 -28.49 24.26
CA GLU B 132 -32.41 -29.07 22.97
C GLU B 132 -32.52 -27.99 21.85
N HIS B 133 -32.16 -26.74 22.17
CA HIS B 133 -32.08 -25.61 21.22
C HIS B 133 -30.73 -24.89 21.40
N ASN B 134 -30.03 -24.63 20.29
CA ASN B 134 -28.73 -23.91 20.29
C ASN B 134 -29.00 -22.40 20.35
N ILE B 135 -28.25 -21.71 21.20
CA ILE B 135 -28.17 -20.24 21.25
C ILE B 135 -27.39 -19.80 20.02
N CYS B 136 -28.01 -19.01 19.13
CA CYS B 136 -27.39 -18.43 17.92
C CYS B 136 -27.13 -16.93 18.13
N GLU B 137 -27.96 -16.28 18.93
CA GLU B 137 -27.68 -14.88 19.20
C GLU B 137 -28.21 -14.49 20.58
N ILE B 138 -27.61 -13.42 21.08
CA ILE B 138 -28.08 -12.73 22.31
C ILE B 138 -28.17 -11.27 21.92
N ASN B 139 -29.37 -10.68 21.96
CA ASN B 139 -29.52 -9.25 21.65
C ASN B 139 -29.05 -8.94 20.23
N GLY B 140 -29.16 -9.88 19.31
CA GLY B 140 -28.90 -9.57 17.89
C GLY B 140 -27.49 -9.95 17.46
N GLN B 141 -26.71 -10.36 18.47
CA GLN B 141 -25.26 -10.61 18.35
C GLN B 141 -24.98 -12.13 18.30
N ASN B 142 -24.38 -12.57 17.21
CA ASN B 142 -24.01 -13.95 16.89
C ASN B 142 -22.97 -14.49 17.92
N VAL B 143 -23.30 -15.59 18.57
CA VAL B 143 -22.44 -16.13 19.65
C VAL B 143 -22.02 -17.55 19.30
N ILE B 144 -22.10 -17.89 18.02
CA ILE B 144 -21.80 -19.28 17.57
C ILE B 144 -20.28 -19.43 17.50
N GLY B 145 -19.74 -20.52 18.06
CA GLY B 145 -18.29 -20.74 18.14
C GLY B 145 -17.69 -20.21 19.44
N LEU B 146 -18.33 -19.30 20.16
CA LEU B 146 -17.90 -18.86 21.51
C LEU B 146 -17.95 -20.03 22.54
N LYS B 147 -17.20 -19.88 23.63
CA LYS B 147 -17.20 -20.85 24.77
C LYS B 147 -18.29 -20.45 25.77
N ASP B 148 -18.76 -21.38 26.57
CA ASP B 148 -19.90 -21.14 27.47
C ASP B 148 -19.63 -19.97 28.39
N SER B 149 -18.41 -19.82 28.87
CA SER B 149 -18.07 -18.72 29.80
C SER B 149 -18.22 -17.37 29.06
N GLN B 150 -17.92 -17.33 27.77
CA GLN B 150 -18.03 -16.13 26.91
C GLN B 150 -19.50 -15.76 26.72
N ILE B 151 -20.35 -16.76 26.50
CA ILE B 151 -21.83 -16.61 26.35
C ILE B 151 -22.41 -16.12 27.68
N ALA B 152 -21.91 -16.72 28.77
CA ALA B 152 -22.32 -16.33 30.14
C ALA B 152 -22.03 -14.86 30.36
N ASP B 153 -20.85 -14.39 29.97
CA ASP B 153 -20.41 -12.99 30.26
C ASP B 153 -21.31 -12.04 29.47
N ILE B 154 -21.63 -12.38 28.22
CA ILE B 154 -22.50 -11.56 27.32
C ILE B 154 -23.92 -11.44 27.92
N LEU B 155 -24.46 -12.56 28.44
CA LEU B 155 -25.76 -12.57 29.16
C LEU B 155 -25.64 -11.63 30.34
N SER B 156 -24.56 -11.79 31.11
CA SER B 156 -24.22 -10.98 32.30
C SER B 156 -24.13 -9.50 31.92
N THR B 157 -23.43 -9.14 30.85
CA THR B 157 -23.15 -7.71 30.52
C THR B 157 -24.38 -7.10 29.85
N SER B 158 -25.28 -7.91 29.34
CA SER B 158 -26.58 -7.45 28.78
C SER B 158 -27.44 -6.81 29.88
N GLY B 159 -28.43 -6.01 29.50
CA GLY B 159 -29.33 -5.33 30.43
C GLY B 159 -30.43 -6.25 30.91
N THR B 160 -31.32 -5.77 31.79
CA THR B 160 -32.43 -6.53 32.41
C THR B 160 -33.16 -7.33 31.33
N VAL B 161 -33.37 -6.75 30.17
CA VAL B 161 -34.17 -7.41 29.13
C VAL B 161 -33.25 -7.98 28.06
N VAL B 162 -33.41 -9.27 27.81
CA VAL B 162 -32.54 -10.12 26.95
C VAL B 162 -33.39 -10.86 25.90
N THR B 163 -32.94 -10.86 24.67
CA THR B 163 -33.64 -11.51 23.52
C THR B 163 -32.67 -12.58 23.11
N ILE B 164 -33.07 -13.86 23.25
CA ILE B 164 -32.30 -14.98 22.68
C ILE B 164 -33.03 -15.39 21.40
N THR B 165 -32.25 -15.44 20.32
CA THR B 165 -32.51 -16.15 19.06
C THR B 165 -32.03 -17.62 19.24
N ILE B 166 -32.88 -18.64 18.97
CA ILE B 166 -32.53 -20.08 19.17
C ILE B 166 -32.93 -20.87 17.92
N MET B 167 -32.41 -22.10 17.79
CA MET B 167 -32.60 -22.99 16.62
C MET B 167 -32.59 -24.41 17.20
N PRO B 168 -33.55 -25.29 16.81
CA PRO B 168 -33.49 -26.71 17.23
C PRO B 168 -32.14 -27.36 16.91
N ALA B 169 -31.62 -28.10 17.90
CA ALA B 169 -30.28 -28.72 17.89
C ALA B 169 -30.05 -29.52 16.60
N PHE B 170 -31.06 -30.33 16.21
N PHE B 170 -31.02 -30.39 16.26
CA PHE B 170 -30.96 -31.29 15.08
CA PHE B 170 -30.93 -31.26 15.06
C PHE B 170 -30.65 -30.50 13.80
C PHE B 170 -30.52 -30.37 13.88
N ILE B 171 -31.31 -29.33 13.62
CA ILE B 171 -31.07 -28.43 12.46
C ILE B 171 -29.69 -27.73 12.60
N PHE B 172 -29.44 -27.17 13.77
CA PHE B 172 -28.11 -26.55 14.09
C PHE B 172 -26.96 -27.53 13.78
N GLU B 173 -27.08 -28.77 14.19
CA GLU B 173 -26.01 -29.79 13.97
C GLU B 173 -25.85 -30.07 12.46
N HIS B 174 -26.93 -30.05 11.68
CA HIS B 174 -26.88 -30.16 10.19
C HIS B 174 -26.23 -28.91 9.56
N ILE B 175 -26.47 -27.72 10.09
CA ILE B 175 -26.12 -26.48 9.37
C ILE B 175 -24.58 -26.35 9.44
N ILE B 176 -24.00 -26.64 10.59
CA ILE B 176 -22.53 -26.52 10.82
C ILE B 176 -21.71 -27.71 10.29
N LYS B 177 -22.30 -28.75 9.69
CA LYS B 177 -21.52 -29.78 8.95
C LYS B 177 -20.79 -29.21 7.69
N ARG B 178 -19.81 -29.96 7.20
CA ARG B 178 -18.81 -29.53 6.17
C ARG B 178 -18.20 -28.16 6.52
N MET B 179 -17.83 -27.93 7.79
CA MET B 179 -17.09 -26.72 8.20
C MET B 179 -16.32 -27.03 9.49
N ALA B 180 -14.99 -27.02 9.40
CA ALA B 180 -14.03 -27.25 10.49
C ALA B 180 -14.34 -26.40 11.71
N PRO B 181 -14.57 -27.00 12.91
CA PRO B 181 -14.86 -26.19 14.10
C PRO B 181 -13.88 -25.05 14.42
N SER B 182 -12.77 -24.96 13.66
CA SER B 182 -11.65 -23.98 13.83
C SER B 182 -11.91 -22.73 12.97
N ILE B 183 -12.46 -22.92 11.76
CA ILE B 183 -12.97 -21.83 10.85
C ILE B 183 -14.12 -21.08 11.54
N MET B 184 -15.06 -21.81 12.14
CA MET B 184 -16.28 -21.33 12.84
C MET B 184 -15.91 -20.65 14.16
N LYS B 185 -14.93 -21.19 14.86
CA LYS B 185 -14.42 -20.55 16.10
C LYS B 185 -13.61 -19.30 15.72
N SER B 186 -12.91 -19.26 14.58
CA SER B 186 -11.97 -18.13 14.30
C SER B 186 -12.64 -17.02 13.48
N LEU B 187 -13.49 -17.36 12.50
CA LEU B 187 -13.93 -16.38 11.48
C LEU B 187 -15.34 -15.85 11.79
N MET B 188 -16.15 -16.52 12.61
CA MET B 188 -17.59 -16.14 12.75
C MET B 188 -17.67 -14.69 13.24
N ASP B 189 -18.54 -13.95 12.58
CA ASP B 189 -18.90 -12.57 12.94
C ASP B 189 -19.59 -12.57 14.32
N HIS B 190 -19.14 -11.73 15.23
CA HIS B 190 -19.71 -11.52 16.58
C HIS B 190 -19.95 -10.04 16.84
N THR B 191 -20.13 -9.25 15.78
CA THR B 191 -20.40 -7.81 15.90
C THR B 191 -21.69 -7.54 16.68
N ILE B 192 -21.72 -6.38 17.29
CA ILE B 192 -22.93 -5.84 17.97
C ILE B 192 -23.73 -5.08 16.92
N PRO B 193 -25.05 -5.36 16.84
CA PRO B 193 -25.92 -4.73 15.85
C PRO B 193 -25.84 -3.19 15.99
N GLU B 194 -25.62 -2.52 14.86
CA GLU B 194 -25.43 -1.05 14.77
C GLU B 194 -26.76 -0.43 14.40
N VAL B 195 -26.92 0.88 14.57
CA VAL B 195 -28.00 1.62 13.86
C VAL B 195 -27.34 2.64 12.93
N ALA C 3 12.42 15.62 -24.72
CA ALA C 3 11.73 14.93 -23.59
C ALA C 3 10.64 14.00 -24.15
N GLU C 4 9.56 14.58 -24.68
CA GLU C 4 8.37 13.86 -25.21
C GLU C 4 8.83 12.68 -26.09
N ILE C 5 8.23 11.51 -25.90
CA ILE C 5 8.65 10.21 -26.51
C ILE C 5 7.95 10.05 -27.87
N LYS C 6 8.73 9.81 -28.95
CA LYS C 6 8.23 9.55 -30.33
C LYS C 6 7.92 8.06 -30.50
N GLN C 7 6.76 7.73 -31.06
CA GLN C 7 6.36 6.34 -31.42
C GLN C 7 6.88 5.99 -32.82
N GLY C 8 6.96 4.69 -33.14
CA GLY C 8 7.63 4.19 -34.35
C GLY C 8 9.13 4.13 -34.16
N ILE C 9 9.86 3.84 -35.24
CA ILE C 9 11.30 3.46 -35.25
C ILE C 9 12.07 4.47 -36.11
N ARG C 10 13.29 4.86 -35.69
CA ARG C 10 14.18 5.75 -36.48
C ARG C 10 15.52 5.05 -36.72
N GLU C 11 16.26 5.50 -37.75
CA GLU C 11 17.61 4.98 -38.10
C GLU C 11 18.64 5.99 -37.58
N VAL C 12 19.74 5.58 -36.94
CA VAL C 12 20.88 6.49 -36.62
C VAL C 12 22.11 5.99 -37.38
N ILE C 13 22.97 6.93 -37.77
CA ILE C 13 24.23 6.65 -38.48
C ILE C 13 25.36 7.11 -37.53
N LEU C 14 26.34 6.25 -37.24
CA LEU C 14 27.39 6.54 -36.21
C LEU C 14 28.74 6.35 -36.85
N CYS C 15 29.71 7.14 -36.38
CA CYS C 15 31.15 6.93 -36.60
C CYS C 15 31.82 6.66 -35.26
N LYS C 16 32.60 5.58 -35.19
CA LYS C 16 33.62 5.38 -34.12
C LYS C 16 34.53 6.61 -34.04
N ASP C 17 34.83 7.07 -32.83
CA ASP C 17 35.64 8.30 -32.60
C ASP C 17 37.13 7.99 -32.84
N GLN C 18 37.95 8.97 -32.47
CA GLN C 18 39.41 8.91 -32.27
C GLN C 18 39.86 7.54 -31.74
N ASP C 19 39.23 7.06 -30.66
CA ASP C 19 39.70 5.87 -29.88
C ASP C 19 38.98 4.56 -30.31
N GLY C 20 38.21 4.57 -31.43
CA GLY C 20 37.44 3.42 -31.93
C GLY C 20 36.25 3.03 -31.04
N LYS C 21 35.77 3.97 -30.20
CA LYS C 21 34.57 3.85 -29.34
C LYS C 21 33.44 4.69 -29.95
N ILE C 22 32.18 4.31 -29.63
CA ILE C 22 30.96 5.15 -29.88
C ILE C 22 30.36 5.65 -28.57
N GLY C 23 30.75 5.13 -27.41
CA GLY C 23 30.26 5.60 -26.10
C GLY C 23 28.93 4.98 -25.67
N LEU C 24 28.82 3.64 -25.68
CA LEU C 24 27.59 2.88 -25.32
C LEU C 24 27.89 1.71 -24.41
N ARG C 25 27.00 1.48 -23.46
CA ARG C 25 26.80 0.15 -22.85
C ARG C 25 25.38 -0.34 -23.19
N LEU C 26 25.28 -1.61 -23.54
CA LEU C 26 24.01 -2.21 -24.02
C LEU C 26 23.66 -3.38 -23.13
N LYS C 27 22.36 -3.64 -22.93
CA LYS C 27 21.85 -4.68 -21.98
C LYS C 27 20.69 -5.41 -22.65
N SER C 28 20.76 -6.73 -22.58
CA SER C 28 19.73 -7.75 -22.88
C SER C 28 18.66 -7.75 -21.77
N ILE C 29 17.41 -7.45 -22.16
CA ILE C 29 16.16 -7.37 -21.34
C ILE C 29 15.05 -8.06 -22.16
N ASP C 30 14.46 -9.17 -21.69
CA ASP C 30 13.25 -9.75 -22.35
C ASP C 30 13.54 -10.03 -23.83
N ASN C 31 14.79 -10.45 -24.13
CA ASN C 31 15.32 -10.80 -25.49
C ASN C 31 15.26 -9.59 -26.41
N GLY C 32 15.32 -8.40 -25.82
CA GLY C 32 15.59 -7.15 -26.58
C GLY C 32 17.00 -6.64 -26.30
N ILE C 33 17.40 -5.52 -26.92
CA ILE C 33 18.69 -4.87 -26.57
C ILE C 33 18.41 -3.43 -26.25
N PHE C 34 18.75 -3.02 -25.03
CA PHE C 34 18.55 -1.65 -24.51
C PHE C 34 19.89 -0.99 -24.20
N VAL C 35 19.92 0.34 -24.32
CA VAL C 35 20.98 1.30 -23.90
C VAL C 35 20.94 1.44 -22.37
N GLN C 36 21.98 0.93 -21.69
CA GLN C 36 22.15 1.03 -20.21
C GLN C 36 23.09 2.17 -19.86
N LEU C 37 23.79 2.74 -20.85
CA LEU C 37 24.62 3.96 -20.66
C LEU C 37 25.04 4.46 -22.02
N VAL C 38 24.85 5.77 -22.22
CA VAL C 38 25.46 6.67 -23.24
C VAL C 38 26.54 7.51 -22.50
N GLN C 39 27.79 7.62 -22.99
CA GLN C 39 28.78 8.58 -22.39
C GLN C 39 28.52 9.98 -22.98
N ALA C 40 28.65 11.05 -22.19
CA ALA C 40 28.74 12.47 -22.69
C ALA C 40 29.81 12.64 -23.78
N ASN C 41 29.59 13.57 -24.70
N ASN C 41 29.58 13.65 -24.62
CA ASN C 41 30.60 13.99 -25.70
CA ASN C 41 30.37 14.02 -25.83
C ASN C 41 30.96 12.82 -26.62
C ASN C 41 31.00 12.77 -26.43
N SER C 42 30.16 11.75 -26.66
CA SER C 42 30.47 10.51 -27.45
C SER C 42 29.72 10.57 -28.77
N PRO C 43 30.12 9.78 -29.78
CA PRO C 43 29.33 9.71 -31.01
C PRO C 43 27.89 9.26 -30.73
N ALA C 44 27.67 8.41 -29.72
CA ALA C 44 26.32 7.91 -29.43
C ALA C 44 25.44 9.08 -28.97
N SER C 45 25.94 9.89 -28.05
CA SER C 45 25.20 11.03 -27.45
C SER C 45 24.96 12.13 -28.49
N LEU C 46 25.97 12.42 -29.33
CA LEU C 46 25.88 13.57 -30.27
C LEU C 46 24.74 13.29 -31.26
N VAL C 47 24.49 12.02 -31.53
CA VAL C 47 23.59 11.57 -32.62
C VAL C 47 22.17 11.34 -32.05
N GLY C 48 21.94 11.59 -30.76
CA GLY C 48 20.63 11.52 -30.07
C GLY C 48 20.31 10.22 -29.27
N LEU C 49 21.16 9.18 -29.18
CA LEU C 49 20.85 7.97 -28.37
C LEU C 49 20.72 8.31 -26.88
N ARG C 50 19.84 7.61 -26.18
CA ARG C 50 19.52 7.89 -24.76
C ARG C 50 19.41 6.62 -23.95
N PHE C 51 19.58 6.79 -22.66
CA PHE C 51 19.33 5.69 -21.72
C PHE C 51 17.95 5.15 -22.06
N GLY C 52 17.82 3.81 -22.19
CA GLY C 52 16.51 3.11 -22.21
C GLY C 52 15.98 2.86 -23.61
N ASP C 53 16.66 3.41 -24.63
CA ASP C 53 16.41 3.16 -26.06
C ASP C 53 16.56 1.67 -26.37
N GLN C 54 15.74 1.15 -27.27
CA GLN C 54 15.86 -0.26 -27.71
C GLN C 54 16.48 -0.21 -29.11
N VAL C 55 17.46 -1.09 -29.30
CA VAL C 55 18.24 -1.28 -30.55
C VAL C 55 17.69 -2.54 -31.22
N LEU C 56 16.99 -2.37 -32.34
CA LEU C 56 16.35 -3.46 -33.13
C LEU C 56 17.34 -4.09 -34.12
N GLN C 57 18.09 -3.28 -34.85
CA GLN C 57 19.14 -3.77 -35.77
C GLN C 57 20.43 -2.95 -35.62
N ILE C 58 21.54 -3.59 -35.90
CA ILE C 58 22.87 -2.97 -36.03
C ILE C 58 23.37 -3.43 -37.38
N ASN C 59 23.66 -2.50 -38.29
CA ASN C 59 24.14 -2.78 -39.67
C ASN C 59 23.15 -3.76 -40.34
N GLY C 60 21.85 -3.66 -40.03
CA GLY C 60 20.76 -4.33 -40.75
C GLY C 60 20.55 -5.74 -40.25
N GLU C 61 20.88 -5.99 -39.01
CA GLU C 61 20.82 -7.35 -38.40
C GLU C 61 20.08 -7.26 -37.09
N ASN C 62 19.09 -8.14 -36.93
CA ASN C 62 18.14 -8.13 -35.80
C ASN C 62 18.95 -8.35 -34.53
N CYS C 63 18.74 -7.50 -33.55
CA CYS C 63 19.34 -7.62 -32.21
C CYS C 63 18.58 -8.66 -31.39
N ALA C 64 17.35 -9.00 -31.80
CA ALA C 64 16.48 -9.96 -31.10
C ALA C 64 17.29 -11.20 -30.69
N GLY C 65 17.30 -11.46 -29.37
CA GLY C 65 17.81 -12.68 -28.73
C GLY C 65 19.28 -12.59 -28.35
N TRP C 66 19.95 -11.49 -28.71
CA TRP C 66 21.40 -11.29 -28.49
C TRP C 66 21.68 -11.18 -26.99
N SER C 67 22.74 -11.80 -26.48
CA SER C 67 23.32 -11.45 -25.16
C SER C 67 23.99 -10.06 -25.23
N SER C 68 24.05 -9.33 -24.11
CA SER C 68 24.85 -8.11 -23.93
C SER C 68 26.29 -8.29 -24.45
N ASP C 69 26.95 -9.40 -24.09
CA ASP C 69 28.29 -9.80 -24.61
C ASP C 69 28.29 -9.74 -26.15
N LYS C 70 27.32 -10.36 -26.80
CA LYS C 70 27.29 -10.45 -28.27
C LYS C 70 27.05 -9.06 -28.88
N ALA C 71 26.13 -8.28 -28.32
CA ALA C 71 25.83 -6.92 -28.82
C ALA C 71 27.13 -6.09 -28.84
N HIS C 72 27.91 -6.11 -27.75
CA HIS C 72 29.23 -5.42 -27.63
C HIS C 72 30.23 -6.02 -28.61
N LYS C 73 30.32 -7.34 -28.70
CA LYS C 73 31.32 -7.96 -29.62
C LYS C 73 31.04 -7.45 -31.04
N VAL C 74 29.78 -7.32 -31.46
CA VAL C 74 29.42 -6.93 -32.86
C VAL C 74 29.87 -5.48 -33.14
N LEU C 75 29.56 -4.58 -32.23
CA LEU C 75 29.97 -3.17 -32.35
C LEU C 75 31.51 -3.10 -32.37
N LYS C 76 32.18 -3.65 -31.35
CA LYS C 76 33.66 -3.79 -31.31
C LYS C 76 34.27 -4.18 -32.68
N GLN C 77 33.62 -5.10 -33.42
CA GLN C 77 34.13 -5.66 -34.69
C GLN C 77 33.63 -4.85 -35.90
N ALA C 78 32.66 -3.96 -35.71
CA ALA C 78 32.16 -3.03 -36.75
C ALA C 78 33.24 -2.01 -37.12
N PHE C 79 33.88 -2.15 -38.29
CA PHE C 79 35.03 -1.29 -38.67
C PHE C 79 34.83 -0.64 -40.05
N GLY C 80 33.67 -0.82 -40.69
CA GLY C 80 33.27 0.03 -41.83
C GLY C 80 33.50 1.48 -41.48
N GLU C 81 33.10 2.41 -42.36
CA GLU C 81 33.17 3.87 -42.09
C GLU C 81 31.88 4.30 -41.37
N LYS C 82 30.81 3.53 -41.57
CA LYS C 82 29.47 3.82 -41.02
C LYS C 82 28.98 2.64 -40.19
N ILE C 83 28.44 2.91 -39.00
CA ILE C 83 27.62 1.96 -38.19
C ILE C 83 26.17 2.46 -38.19
N THR C 84 25.23 1.62 -38.63
CA THR C 84 23.77 1.95 -38.65
C THR C 84 23.06 1.18 -37.53
N MET C 85 22.18 1.86 -36.82
CA MET C 85 21.31 1.28 -35.77
C MET C 85 19.87 1.71 -36.04
N THR C 86 18.95 0.74 -36.03
CA THR C 86 17.48 0.95 -35.95
C THR C 86 17.05 0.92 -34.48
N ILE C 87 16.36 1.96 -34.07
CA ILE C 87 16.11 2.38 -32.66
C ILE C 87 14.60 2.61 -32.48
N ARG C 88 14.05 2.13 -31.36
CA ARG C 88 12.73 2.53 -30.81
C ARG C 88 12.97 3.28 -29.50
N ASP C 89 12.30 4.42 -29.39
CA ASP C 89 12.48 5.52 -28.40
C ASP C 89 12.00 5.02 -27.07
N ARG C 90 12.92 4.88 -26.12
CA ARG C 90 12.67 4.69 -24.67
C ARG C 90 11.37 3.92 -24.38
N PRO C 91 11.14 2.71 -24.94
CA PRO C 91 9.86 2.02 -24.83
C PRO C 91 9.34 1.72 -23.41
N PHE C 92 10.23 1.58 -22.42
CA PHE C 92 9.84 1.31 -21.02
C PHE C 92 9.52 2.62 -20.29
N GLU C 93 9.60 3.79 -20.93
CA GLU C 93 9.45 5.08 -20.22
C GLU C 93 8.23 5.86 -20.69
N ARG C 94 7.75 6.78 -19.85
N ARG C 94 7.75 6.81 -19.89
CA ARG C 94 6.62 7.74 -20.11
CA ARG C 94 6.69 7.78 -20.29
C ARG C 94 7.00 9.12 -19.59
C ARG C 94 6.91 9.09 -19.57
N THR C 95 6.40 10.19 -20.12
CA THR C 95 6.56 11.56 -19.56
C THR C 95 5.27 12.00 -18.85
N ILE C 96 5.42 12.72 -17.75
CA ILE C 96 4.33 13.31 -16.93
C ILE C 96 4.67 14.81 -16.81
N THR C 97 3.78 15.70 -17.25
CA THR C 97 3.98 17.16 -17.08
C THR C 97 3.16 17.67 -15.89
N MET C 98 3.81 18.44 -15.03
CA MET C 98 3.25 19.01 -13.79
C MET C 98 3.59 20.52 -13.72
N HIS C 99 2.95 21.25 -12.80
CA HIS C 99 2.95 22.73 -12.65
C HIS C 99 3.27 22.97 -11.18
N LYS C 100 4.24 23.82 -10.82
CA LYS C 100 4.65 23.93 -9.39
C LYS C 100 3.50 24.63 -8.67
N ASP C 101 3.31 24.39 -7.37
CA ASP C 101 2.34 25.19 -6.58
C ASP C 101 2.97 26.59 -6.38
N SER C 102 2.42 27.43 -5.51
CA SER C 102 3.01 28.76 -5.22
C SER C 102 4.27 28.62 -4.33
N THR C 103 4.47 27.51 -3.62
CA THR C 103 5.67 27.25 -2.79
C THR C 103 6.78 26.58 -3.63
N GLY C 104 6.58 26.35 -4.93
CA GLY C 104 7.62 25.77 -5.82
C GLY C 104 7.62 24.24 -5.81
N HIS C 105 6.69 23.61 -5.07
CA HIS C 105 6.60 22.15 -4.88
C HIS C 105 5.80 21.52 -6.04
N VAL C 106 6.23 20.34 -6.49
CA VAL C 106 5.56 19.51 -7.54
C VAL C 106 4.51 18.58 -6.91
N GLY C 107 4.87 17.96 -5.77
CA GLY C 107 4.04 17.07 -4.96
C GLY C 107 4.50 15.62 -4.97
N PHE C 108 5.80 15.36 -4.90
CA PHE C 108 6.34 14.00 -4.63
C PHE C 108 7.60 14.02 -3.77
N ILE C 109 7.85 12.86 -3.18
CA ILE C 109 9.07 12.52 -2.41
C ILE C 109 9.82 11.42 -3.15
N PHE C 110 11.16 11.45 -3.11
CA PHE C 110 12.05 10.46 -3.77
C PHE C 110 13.32 10.19 -2.94
N LYS C 111 13.97 9.07 -3.25
CA LYS C 111 15.08 8.46 -2.50
C LYS C 111 15.79 7.54 -3.50
N ASN C 112 17.10 7.77 -3.70
CA ASN C 112 17.96 7.15 -4.73
C ASN C 112 17.27 7.19 -6.10
N GLY C 113 16.59 8.30 -6.46
CA GLY C 113 16.05 8.55 -7.81
C GLY C 113 14.63 7.99 -7.98
N LYS C 114 14.09 7.34 -6.94
CA LYS C 114 12.84 6.54 -6.99
C LYS C 114 11.75 7.31 -6.25
N ILE C 115 10.70 7.72 -6.96
CA ILE C 115 9.50 8.36 -6.37
C ILE C 115 8.91 7.39 -5.34
N THR C 116 8.67 7.88 -4.12
CA THR C 116 8.34 7.03 -2.94
C THR C 116 7.04 7.50 -2.29
N SER C 117 6.58 8.71 -2.56
CA SER C 117 5.20 9.10 -2.15
C SER C 117 4.72 10.29 -2.99
N ILE C 118 3.41 10.45 -3.07
CA ILE C 118 2.70 11.57 -3.73
C ILE C 118 1.97 12.35 -2.65
N VAL C 119 2.04 13.68 -2.72
CA VAL C 119 1.36 14.62 -1.78
C VAL C 119 -0.08 14.81 -2.24
N LYS C 120 -1.02 14.68 -1.28
CA LYS C 120 -2.46 14.96 -1.42
C LYS C 120 -2.63 16.31 -2.12
N ASP C 121 -3.32 16.33 -3.26
CA ASP C 121 -3.88 17.53 -3.95
C ASP C 121 -2.79 18.37 -4.58
N SER C 122 -1.65 17.76 -4.90
CA SER C 122 -0.57 18.35 -5.71
C SER C 122 -0.83 18.10 -7.21
N SER C 123 0.00 18.72 -8.04
CA SER C 123 0.03 18.46 -9.50
C SER C 123 0.53 17.04 -9.80
N ALA C 124 1.35 16.44 -8.94
CA ALA C 124 1.78 15.03 -9.08
C ALA C 124 0.52 14.14 -9.02
N ALA C 125 -0.24 14.30 -7.92
CA ALA C 125 -1.55 13.68 -7.66
C ALA C 125 -2.47 13.88 -8.89
N ARG C 126 -2.73 15.12 -9.30
CA ARG C 126 -3.68 15.44 -10.40
C ARG C 126 -3.26 14.72 -11.69
N ASN C 127 -1.96 14.65 -12.01
CA ASN C 127 -1.48 14.00 -13.27
C ASN C 127 -1.13 12.51 -13.06
N GLY C 128 -1.28 11.95 -11.85
CA GLY C 128 -1.24 10.48 -11.68
C GLY C 128 0.18 9.92 -11.77
N LEU C 129 1.13 10.68 -11.23
CA LEU C 129 2.51 10.23 -10.94
C LEU C 129 2.42 9.04 -9.97
N LEU C 130 3.11 7.97 -10.30
CA LEU C 130 3.15 6.70 -9.51
C LEU C 130 4.39 6.66 -8.60
N THR C 131 4.30 5.85 -7.56
CA THR C 131 5.43 5.43 -6.70
C THR C 131 6.11 4.22 -7.35
N GLU C 132 7.28 3.86 -6.85
CA GLU C 132 8.05 2.67 -7.31
C GLU C 132 8.38 2.90 -8.79
N HIS C 133 8.66 4.15 -9.12
CA HIS C 133 9.13 4.55 -10.46
C HIS C 133 10.47 5.26 -10.29
N ASN C 134 11.47 4.93 -11.12
CA ASN C 134 12.74 5.71 -11.18
C ASN C 134 12.65 6.96 -12.07
N ILE C 135 13.16 8.11 -11.64
CA ILE C 135 13.27 9.38 -12.46
C ILE C 135 14.47 9.23 -13.41
N CYS C 136 14.25 9.25 -14.73
CA CYS C 136 15.28 8.98 -15.75
C CYS C 136 15.79 10.34 -16.31
N GLU C 137 14.84 11.26 -16.60
CA GLU C 137 15.06 12.59 -17.18
C GLU C 137 14.14 13.62 -16.51
N ILE C 138 14.61 14.86 -16.41
CA ILE C 138 13.83 16.08 -16.06
C ILE C 138 14.01 17.07 -17.21
N ASN C 139 12.92 17.42 -17.89
CA ASN C 139 12.87 18.28 -19.10
C ASN C 139 13.89 17.77 -20.11
N GLY C 140 13.92 16.46 -20.37
CA GLY C 140 14.82 15.84 -21.37
C GLY C 140 16.27 15.75 -20.89
N GLN C 141 16.59 16.26 -19.71
CA GLN C 141 17.96 16.07 -19.18
C GLN C 141 18.00 14.72 -18.44
N ASN C 142 18.78 13.76 -18.95
CA ASN C 142 19.13 12.50 -18.21
C ASN C 142 19.67 12.88 -16.84
N VAL C 143 19.14 12.34 -15.73
CA VAL C 143 19.66 12.59 -14.36
C VAL C 143 20.02 11.27 -13.70
N ILE C 144 20.32 10.23 -14.49
CA ILE C 144 20.64 8.89 -13.92
C ILE C 144 22.07 8.89 -13.33
N GLY C 145 22.15 8.65 -12.03
CA GLY C 145 23.40 8.49 -11.28
C GLY C 145 23.82 9.77 -10.56
N LEU C 146 23.03 10.83 -10.68
CA LEU C 146 23.12 12.07 -9.87
C LEU C 146 22.72 11.77 -8.41
N LYS C 147 23.16 12.56 -7.44
CA LYS C 147 22.69 12.46 -6.02
C LYS C 147 21.26 12.96 -5.95
N ASP C 148 20.51 12.63 -4.90
CA ASP C 148 19.13 13.19 -4.78
C ASP C 148 19.23 14.73 -4.75
N SER C 149 20.22 15.28 -4.03
CA SER C 149 20.40 16.75 -3.84
C SER C 149 20.60 17.43 -5.21
N GLN C 150 21.16 16.75 -6.18
CA GLN C 150 21.37 17.32 -7.53
C GLN C 150 20.05 17.34 -8.31
N ILE C 151 19.36 16.20 -8.35
CA ILE C 151 17.98 16.01 -8.89
C ILE C 151 17.08 17.11 -8.32
N ALA C 152 17.07 17.29 -7.00
CA ALA C 152 16.26 18.29 -6.28
C ALA C 152 16.63 19.70 -6.75
N ASP C 153 17.94 19.97 -6.86
CA ASP C 153 18.44 21.29 -7.30
C ASP C 153 17.94 21.50 -8.75
N ILE C 154 18.03 20.49 -9.61
CA ILE C 154 17.54 20.60 -11.01
C ILE C 154 16.03 20.89 -11.00
N LEU C 155 15.29 20.24 -10.07
CA LEU C 155 13.82 20.42 -9.95
C LEU C 155 13.54 21.86 -9.51
N SER C 156 14.32 22.36 -8.55
CA SER C 156 14.22 23.74 -8.00
C SER C 156 14.32 24.74 -9.14
N THR C 157 15.34 24.56 -10.00
CA THR C 157 15.78 25.52 -11.06
C THR C 157 15.08 25.25 -12.40
N SER C 158 14.22 24.23 -12.50
CA SER C 158 13.26 24.21 -13.63
C SER C 158 12.28 25.35 -13.42
N GLY C 159 11.45 25.65 -14.41
CA GLY C 159 10.41 26.67 -14.26
C GLY C 159 9.20 26.07 -13.56
N THR C 160 8.06 26.73 -13.64
CA THR C 160 6.80 26.30 -12.99
C THR C 160 6.34 24.98 -13.63
N VAL C 161 6.65 24.78 -14.92
CA VAL C 161 6.28 23.58 -15.72
C VAL C 161 7.43 22.54 -15.76
N VAL C 162 7.18 21.35 -15.26
CA VAL C 162 8.19 20.28 -15.02
C VAL C 162 7.71 19.00 -15.72
N THR C 163 8.48 18.49 -16.67
CA THR C 163 8.26 17.17 -17.31
C THR C 163 9.24 16.16 -16.70
N ILE C 164 8.74 15.13 -16.00
CA ILE C 164 9.58 13.98 -15.52
C ILE C 164 9.39 12.83 -16.51
N THR C 165 10.48 12.16 -16.90
CA THR C 165 10.42 10.88 -17.63
C THR C 165 10.69 9.78 -16.64
N ILE C 166 9.81 8.76 -16.57
CA ILE C 166 9.79 7.75 -15.49
C ILE C 166 9.79 6.33 -16.05
N MET C 167 10.26 5.40 -15.27
CA MET C 167 10.39 3.97 -15.63
C MET C 167 10.06 3.15 -14.38
N PRO C 168 9.18 2.15 -14.52
CA PRO C 168 8.86 1.23 -13.43
C PRO C 168 10.18 0.76 -12.77
N ALA C 169 10.29 0.93 -11.45
CA ALA C 169 11.52 0.63 -10.64
C ALA C 169 12.13 -0.70 -11.04
N PHE C 170 11.32 -1.73 -11.21
N PHE C 170 11.34 -1.77 -11.15
CA PHE C 170 11.76 -3.15 -11.34
CA PHE C 170 11.83 -3.17 -11.35
C PHE C 170 12.42 -3.37 -12.73
C PHE C 170 12.54 -3.27 -12.70
N ILE C 171 12.08 -2.47 -13.68
CA ILE C 171 12.69 -2.47 -15.05
C ILE C 171 14.01 -1.71 -14.93
N PHE C 172 14.03 -0.66 -14.13
CA PHE C 172 15.22 0.20 -13.96
C PHE C 172 16.35 -0.64 -13.34
N GLU C 173 16.01 -1.36 -12.26
CA GLU C 173 16.94 -2.24 -11.51
C GLU C 173 17.47 -3.28 -12.49
N HIS C 174 16.65 -3.81 -13.38
CA HIS C 174 17.15 -4.83 -14.33
C HIS C 174 18.18 -4.18 -15.28
N ILE C 175 17.89 -3.00 -15.80
CA ILE C 175 18.70 -2.34 -16.87
C ILE C 175 20.09 -1.92 -16.35
N ILE C 176 20.22 -1.49 -15.08
CA ILE C 176 21.52 -0.99 -14.55
C ILE C 176 22.33 -2.13 -13.95
N LYS C 177 21.87 -3.39 -14.09
CA LYS C 177 22.67 -4.62 -13.82
C LYS C 177 23.85 -4.65 -14.80
N ARG C 178 24.94 -5.36 -14.42
CA ARG C 178 26.22 -5.43 -15.18
C ARG C 178 26.84 -4.03 -15.25
N MET C 179 26.65 -3.21 -14.20
CA MET C 179 27.19 -1.83 -14.21
C MET C 179 27.25 -1.29 -12.78
N ALA C 180 28.47 -1.16 -12.23
CA ALA C 180 28.81 -0.55 -10.93
C ALA C 180 28.34 0.91 -10.87
N PRO C 181 27.65 1.32 -9.77
CA PRO C 181 27.27 2.72 -9.55
C PRO C 181 28.32 3.81 -9.84
N SER C 182 29.59 3.53 -9.60
CA SER C 182 30.74 4.44 -9.85
C SER C 182 30.82 4.82 -11.33
N ILE C 183 30.61 3.86 -12.23
CA ILE C 183 30.71 4.02 -13.72
C ILE C 183 29.52 4.83 -14.24
N MET C 184 28.35 4.47 -13.74
CA MET C 184 27.07 5.14 -14.07
C MET C 184 27.22 6.61 -13.63
N LYS C 185 27.63 6.83 -12.39
CA LYS C 185 27.81 8.18 -11.82
C LYS C 185 28.84 8.97 -12.65
N SER C 186 30.00 8.37 -12.95
CA SER C 186 31.13 9.07 -13.64
C SER C 186 30.89 9.27 -15.13
N LEU C 187 30.24 8.37 -15.86
CA LEU C 187 30.27 8.38 -17.36
C LEU C 187 28.93 8.80 -17.99
N MET C 188 27.80 8.66 -17.28
CA MET C 188 26.44 8.89 -17.84
C MET C 188 26.24 10.34 -18.31
N ASP C 189 26.02 10.49 -19.62
CA ASP C 189 25.55 11.70 -20.29
C ASP C 189 24.51 12.42 -19.43
N HIS C 190 24.75 13.71 -19.12
CA HIS C 190 23.83 14.66 -18.42
C HIS C 190 23.75 15.94 -19.22
N THR C 191 24.21 15.84 -20.46
CA THR C 191 24.21 16.89 -21.50
C THR C 191 22.85 17.54 -21.54
N ILE C 192 22.84 18.86 -21.78
CA ILE C 192 21.66 19.63 -22.29
C ILE C 192 22.04 20.04 -23.71
N PRO C 193 21.40 19.42 -24.73
CA PRO C 193 21.94 19.46 -26.09
C PRO C 193 21.64 20.82 -26.75
N GLU C 194 20.45 21.34 -26.47
CA GLU C 194 19.78 22.44 -27.22
C GLU C 194 18.90 23.20 -26.23
N VAL C 195 18.93 24.53 -26.26
CA VAL C 195 18.10 25.33 -25.34
C VAL C 195 17.21 26.22 -26.18
N ILE D 5 18.91 24.71 26.63
CA ILE D 5 19.51 24.37 27.98
C ILE D 5 19.70 25.69 28.75
N LYS D 6 18.85 26.01 29.75
CA LYS D 6 19.05 27.13 30.71
C LYS D 6 20.36 26.89 31.50
N GLN D 7 21.22 27.90 31.66
CA GLN D 7 22.37 27.90 32.62
C GLN D 7 21.78 28.26 33.99
N GLY D 8 22.53 28.06 35.07
CA GLY D 8 22.05 28.29 36.44
C GLY D 8 20.97 27.30 36.89
N ILE D 9 20.31 27.67 37.97
CA ILE D 9 19.52 26.81 38.88
C ILE D 9 18.08 27.35 38.95
N ARG D 10 17.05 26.52 38.99
CA ARG D 10 15.70 27.02 39.33
C ARG D 10 15.02 26.10 40.34
N GLU D 11 14.15 26.68 41.16
CA GLU D 11 13.25 26.02 42.12
C GLU D 11 12.02 25.56 41.35
N VAL D 12 11.51 24.37 41.65
CA VAL D 12 10.18 23.86 41.21
C VAL D 12 9.47 23.29 42.43
N ILE D 13 8.15 23.51 42.48
CA ILE D 13 7.19 23.08 43.53
C ILE D 13 6.20 22.16 42.83
N LEU D 14 5.99 20.94 43.34
CA LEU D 14 4.98 19.97 42.84
C LEU D 14 4.06 19.60 44.00
N CYS D 15 2.98 18.90 43.66
CA CYS D 15 2.13 18.17 44.63
C CYS D 15 1.91 16.76 44.08
N LYS D 16 1.96 15.81 45.00
CA LYS D 16 1.72 14.39 44.70
C LYS D 16 0.31 14.33 44.12
N ASP D 17 0.08 13.47 43.15
CA ASP D 17 -1.28 13.16 42.64
C ASP D 17 -2.05 12.36 43.71
N GLN D 18 -3.26 11.89 43.35
CA GLN D 18 -4.20 11.16 44.24
C GLN D 18 -3.50 9.94 44.83
N ASP D 19 -2.59 9.33 44.07
CA ASP D 19 -1.84 8.11 44.47
C ASP D 19 -0.62 8.44 45.36
N GLY D 20 -0.34 9.73 45.60
CA GLY D 20 0.86 10.18 46.34
C GLY D 20 2.13 10.03 45.52
N LYS D 21 2.01 10.10 44.20
CA LYS D 21 3.09 9.96 43.20
C LYS D 21 3.40 11.32 42.55
N ILE D 22 4.66 11.61 42.26
CA ILE D 22 5.08 12.82 41.47
C ILE D 22 5.37 12.42 40.03
N GLY D 23 5.78 11.16 39.83
CA GLY D 23 6.12 10.60 38.50
C GLY D 23 7.58 10.82 38.14
N LEU D 24 8.52 10.62 39.08
CA LEU D 24 10.00 10.62 38.88
C LEU D 24 10.62 9.25 39.16
N ARG D 25 11.62 8.93 38.34
CA ARG D 25 12.76 8.08 38.77
C ARG D 25 14.08 8.85 38.78
N LEU D 26 14.92 8.48 39.76
CA LEU D 26 16.15 9.18 40.17
C LEU D 26 17.31 8.19 40.15
N LYS D 27 18.50 8.70 39.83
CA LYS D 27 19.73 7.91 39.67
C LYS D 27 20.94 8.66 40.25
N SER D 28 21.75 7.95 41.04
CA SER D 28 23.04 8.42 41.59
C SER D 28 24.01 8.42 40.42
N ILE D 29 24.54 9.59 40.06
CA ILE D 29 25.72 9.69 39.15
C ILE D 29 26.73 10.71 39.69
N ASP D 30 27.98 10.23 39.86
CA ASP D 30 29.17 11.01 40.25
C ASP D 30 28.84 11.80 41.51
N ASN D 31 28.03 11.18 42.40
CA ASN D 31 27.59 11.77 43.70
C ASN D 31 26.60 12.92 43.49
N GLY D 32 25.94 12.97 42.32
CA GLY D 32 24.75 13.82 42.14
C GLY D 32 23.53 12.92 42.04
N ILE D 33 22.37 13.56 41.90
CA ILE D 33 21.07 12.91 41.64
C ILE D 33 20.51 13.50 40.35
N PHE D 34 20.29 12.59 39.41
CA PHE D 34 19.77 12.87 38.06
C PHE D 34 18.44 12.12 37.88
N VAL D 35 17.56 12.77 37.12
CA VAL D 35 16.25 12.23 36.66
C VAL D 35 16.53 11.27 35.52
N GLN D 36 16.15 10.01 35.77
CA GLN D 36 16.31 8.91 34.79
C GLN D 36 14.97 8.63 34.14
N LEU D 37 13.86 9.09 34.72
CA LEU D 37 12.54 9.07 34.01
C LEU D 37 11.57 10.17 34.47
N VAL D 38 10.79 10.72 33.54
CA VAL D 38 9.62 11.58 33.86
C VAL D 38 8.42 10.90 33.21
N GLN D 39 7.39 10.70 34.07
CA GLN D 39 6.13 10.03 33.62
C GLN D 39 5.30 11.05 32.80
N ALA D 40 4.92 10.60 31.59
CA ALA D 40 3.85 11.20 30.77
C ALA D 40 2.68 11.50 31.73
N ASN D 41 2.25 12.77 31.73
CA ASN D 41 0.97 13.23 32.30
C ASN D 41 1.11 13.57 33.77
N SER D 42 2.30 13.81 34.29
CA SER D 42 2.52 13.62 35.76
C SER D 42 2.75 14.97 36.45
N PRO D 43 2.67 14.99 37.79
CA PRO D 43 3.09 16.19 38.52
C PRO D 43 4.53 16.58 38.17
N ALA D 44 5.43 15.64 37.86
CA ALA D 44 6.77 16.02 37.38
C ALA D 44 6.69 16.68 35.99
N SER D 45 6.02 16.05 35.01
CA SER D 45 6.02 16.56 33.61
C SER D 45 5.32 17.90 33.58
N LEU D 46 4.24 18.07 34.37
CA LEU D 46 3.44 19.32 34.37
C LEU D 46 4.32 20.47 34.86
N VAL D 47 5.27 20.29 35.81
CA VAL D 47 6.03 21.49 36.25
C VAL D 47 7.29 21.64 35.39
N GLY D 48 7.49 20.76 34.40
CA GLY D 48 8.54 20.92 33.36
C GLY D 48 9.84 20.22 33.71
N LEU D 49 9.83 19.23 34.62
CA LEU D 49 11.02 18.38 34.90
C LEU D 49 11.33 17.59 33.63
N ARG D 50 12.59 17.22 33.43
CA ARG D 50 13.00 16.48 32.22
C ARG D 50 14.09 15.45 32.51
N PHE D 51 14.21 14.47 31.63
CA PHE D 51 15.26 13.42 31.72
C PHE D 51 16.58 14.19 31.64
N GLY D 52 17.54 13.76 32.46
CA GLY D 52 18.86 14.40 32.55
C GLY D 52 18.92 15.54 33.57
N ASP D 53 17.81 15.99 34.11
CA ASP D 53 17.89 17.10 35.08
C ASP D 53 18.65 16.61 36.31
N GLN D 54 19.45 17.48 36.93
CA GLN D 54 20.11 17.23 38.24
C GLN D 54 19.25 17.86 39.35
N VAL D 55 18.99 17.08 40.40
CA VAL D 55 18.25 17.52 41.61
C VAL D 55 19.29 17.86 42.67
N LEU D 56 19.38 19.14 42.99
CA LEU D 56 20.40 19.69 43.92
C LEU D 56 19.90 19.50 45.36
N GLN D 57 18.67 19.96 45.62
CA GLN D 57 17.95 19.87 46.93
C GLN D 57 16.60 19.21 46.72
N ILE D 58 16.04 18.71 47.80
CA ILE D 58 14.64 18.23 47.97
C ILE D 58 14.20 18.82 49.30
N ASN D 59 13.25 19.75 49.27
CA ASN D 59 12.76 20.45 50.48
C ASN D 59 13.97 21.02 51.22
N GLY D 60 14.85 21.70 50.49
CA GLY D 60 15.98 22.48 51.03
C GLY D 60 17.11 21.58 51.50
N GLU D 61 17.03 20.27 51.31
CA GLU D 61 18.06 19.30 51.75
C GLU D 61 18.92 18.89 50.56
N ASN D 62 20.24 19.03 50.66
CA ASN D 62 21.22 18.77 49.57
C ASN D 62 21.19 17.28 49.20
N CYS D 63 21.12 16.93 47.92
CA CYS D 63 21.02 15.52 47.48
C CYS D 63 22.38 14.83 47.35
N ALA D 64 23.47 15.48 47.77
CA ALA D 64 24.85 15.12 47.41
C ALA D 64 25.26 13.82 48.13
N GLY D 65 25.81 12.86 47.38
CA GLY D 65 26.27 11.58 47.93
C GLY D 65 25.14 10.59 48.15
N TRP D 66 23.87 11.01 48.01
CA TRP D 66 22.66 10.14 48.17
C TRP D 66 22.71 8.99 47.16
N SER D 67 22.34 7.77 47.58
CA SER D 67 22.10 6.62 46.66
C SER D 67 20.76 6.92 45.98
N SER D 68 20.46 6.26 44.87
CA SER D 68 19.14 6.43 44.21
C SER D 68 18.09 6.05 45.27
N ASP D 69 18.30 4.91 45.99
CA ASP D 69 17.39 4.43 47.09
C ASP D 69 17.01 5.58 48.01
N LYS D 70 17.99 6.35 48.46
CA LYS D 70 17.73 7.39 49.46
C LYS D 70 16.92 8.52 48.80
N ALA D 71 17.20 8.88 47.55
CA ALA D 71 16.55 10.06 46.93
C ALA D 71 15.07 9.67 46.88
N HIS D 72 14.81 8.47 46.37
CA HIS D 72 13.50 7.76 46.31
C HIS D 72 12.80 7.77 47.67
N LYS D 73 13.48 7.29 48.71
CA LYS D 73 12.86 7.23 50.05
C LYS D 73 12.46 8.62 50.52
N VAL D 74 13.34 9.62 50.34
CA VAL D 74 13.11 11.03 50.80
C VAL D 74 11.85 11.53 50.08
N LEU D 75 11.66 11.16 48.82
CA LEU D 75 10.47 11.59 48.06
C LEU D 75 9.19 10.96 48.63
N LYS D 76 9.19 9.65 48.85
CA LYS D 76 8.04 8.92 49.44
C LYS D 76 7.61 9.60 50.74
N GLN D 77 8.56 9.80 51.66
CA GLN D 77 8.27 10.27 53.05
C GLN D 77 8.01 11.78 53.16
N ALA D 78 8.19 12.54 52.07
CA ALA D 78 7.78 13.96 52.00
C ALA D 78 6.26 14.09 52.22
N PHE D 79 5.83 14.83 53.25
CA PHE D 79 4.44 15.37 53.35
C PHE D 79 4.02 15.96 52.01
N GLY D 80 2.93 15.45 51.43
CA GLY D 80 2.57 15.60 50.00
C GLY D 80 2.20 17.04 49.64
N GLU D 81 1.77 17.81 50.64
CA GLU D 81 1.15 19.16 50.48
C GLU D 81 1.98 19.99 49.48
N LYS D 82 3.28 20.22 49.74
CA LYS D 82 4.22 20.88 48.79
C LYS D 82 5.62 20.25 48.88
N ILE D 83 6.15 19.76 47.76
CA ILE D 83 7.55 19.29 47.61
C ILE D 83 8.30 20.30 46.73
N THR D 84 9.21 21.11 47.29
CA THR D 84 10.19 21.93 46.55
C THR D 84 11.39 21.09 46.11
N MET D 85 11.85 21.35 44.90
CA MET D 85 13.10 20.82 44.30
C MET D 85 13.92 21.95 43.68
N THR D 86 15.21 21.94 43.95
CA THR D 86 16.25 22.79 43.32
C THR D 86 16.95 21.95 42.25
N ILE D 87 16.96 22.48 41.03
CA ILE D 87 17.20 21.77 39.73
C ILE D 87 18.22 22.58 38.93
N ARG D 88 19.21 21.86 38.36
CA ARG D 88 20.14 22.35 37.33
C ARG D 88 19.77 21.58 36.08
N ASP D 89 19.68 22.30 34.95
CA ASP D 89 19.00 21.88 33.72
C ASP D 89 19.90 20.98 32.88
N ARG D 90 19.49 19.72 32.71
CA ARG D 90 20.17 18.73 31.83
C ARG D 90 21.68 18.96 31.67
N PRO D 91 22.46 18.96 32.79
CA PRO D 91 23.87 19.33 32.76
C PRO D 91 24.82 18.45 31.93
N PHE D 92 24.50 17.18 31.72
CA PHE D 92 25.23 16.28 30.84
C PHE D 92 24.84 16.37 29.37
N GLU D 93 23.87 17.21 28.98
CA GLU D 93 23.35 17.22 27.57
C GLU D 93 23.62 18.57 26.86
N ARG D 94 23.75 18.59 25.53
CA ARG D 94 23.76 19.93 24.81
C ARG D 94 22.89 19.91 23.55
N THR D 95 22.59 21.08 22.95
CA THR D 95 21.70 21.11 21.77
C THR D 95 22.55 21.48 20.56
N ILE D 96 22.32 20.83 19.43
CA ILE D 96 22.88 21.22 18.10
C ILE D 96 21.71 21.60 17.16
N THR D 97 21.74 22.82 16.61
CA THR D 97 20.74 23.39 15.65
C THR D 97 21.26 23.20 14.21
N MET D 98 20.51 22.46 13.41
CA MET D 98 20.84 22.05 12.02
C MET D 98 19.65 22.39 11.11
N HIS D 99 19.92 22.41 9.81
CA HIS D 99 19.03 22.82 8.72
C HIS D 99 18.97 21.66 7.73
N LYS D 100 17.78 21.18 7.43
CA LYS D 100 17.60 20.16 6.39
C LYS D 100 18.07 20.73 5.03
N ASP D 101 18.65 19.86 4.20
CA ASP D 101 19.07 20.15 2.80
C ASP D 101 17.84 19.98 1.90
N SER D 102 18.03 20.03 0.58
CA SER D 102 16.93 20.03 -0.42
C SER D 102 16.23 18.66 -0.46
N THR D 103 16.86 17.62 0.09
CA THR D 103 16.29 16.25 0.21
C THR D 103 15.76 15.95 1.61
N GLY D 104 15.74 16.91 2.55
CA GLY D 104 15.07 16.78 3.86
C GLY D 104 15.96 16.17 4.95
N HIS D 105 17.25 15.98 4.68
CA HIS D 105 18.28 15.38 5.57
C HIS D 105 19.12 16.44 6.24
N VAL D 106 19.60 16.11 7.43
CA VAL D 106 20.56 16.96 8.17
C VAL D 106 21.95 16.33 8.13
N GLY D 107 22.12 15.00 8.02
CA GLY D 107 23.43 14.39 7.72
C GLY D 107 23.98 13.46 8.79
N PHE D 108 23.20 12.53 9.30
CA PHE D 108 23.77 11.54 10.22
C PHE D 108 23.03 10.22 10.07
N ILE D 109 23.73 9.14 10.45
CA ILE D 109 23.24 7.75 10.65
C ILE D 109 23.17 7.50 12.15
N PHE D 110 22.09 6.88 12.61
CA PHE D 110 21.92 6.53 14.03
C PHE D 110 21.39 5.09 14.15
N LYS D 111 21.56 4.53 15.34
CA LYS D 111 21.21 3.13 15.66
C LYS D 111 21.00 3.06 17.18
N ASN D 112 19.85 2.54 17.62
CA ASN D 112 19.50 2.49 19.06
C ASN D 112 19.52 3.89 19.65
N GLY D 113 19.19 4.91 18.86
CA GLY D 113 19.25 6.31 19.32
C GLY D 113 20.68 6.83 19.48
N LYS D 114 21.69 6.11 19.02
CA LYS D 114 23.10 6.56 19.20
C LYS D 114 23.66 6.94 17.84
N ILE D 115 24.16 8.16 17.70
CA ILE D 115 24.74 8.62 16.41
C ILE D 115 26.01 7.78 16.15
N THR D 116 26.13 7.23 14.94
CA THR D 116 27.28 6.39 14.52
C THR D 116 28.06 6.99 13.36
N SER D 117 27.47 7.79 12.46
CA SER D 117 28.26 8.39 11.36
C SER D 117 27.67 9.74 11.01
N ILE D 118 28.53 10.65 10.58
CA ILE D 118 28.24 12.02 10.12
C ILE D 118 28.49 12.03 8.62
N VAL D 119 27.55 12.57 7.85
CA VAL D 119 27.69 12.63 6.37
C VAL D 119 28.56 13.84 6.00
N LYS D 120 29.59 13.59 5.19
CA LYS D 120 30.43 14.64 4.55
C LYS D 120 29.55 15.80 4.05
N ASP D 121 29.99 17.03 4.35
CA ASP D 121 29.42 18.30 3.80
C ASP D 121 27.94 18.43 4.12
N SER D 122 27.49 17.78 5.18
CA SER D 122 26.10 17.90 5.71
C SER D 122 26.03 19.02 6.74
N SER D 123 24.79 19.37 7.09
CA SER D 123 24.48 20.34 8.16
C SER D 123 24.90 19.75 9.50
N ALA D 124 24.87 18.42 9.67
CA ALA D 124 25.44 17.77 10.86
C ALA D 124 26.93 18.11 10.89
N ALA D 125 27.63 18.04 9.76
CA ALA D 125 29.10 18.20 9.74
C ALA D 125 29.46 19.67 10.07
N ARG D 126 28.82 20.63 9.42
CA ARG D 126 29.02 22.08 9.63
C ARG D 126 28.78 22.47 11.10
N ASN D 127 27.80 21.89 11.76
CA ASN D 127 27.43 22.31 13.15
C ASN D 127 28.11 21.37 14.17
N GLY D 128 28.99 20.49 13.68
CA GLY D 128 29.89 19.65 14.51
C GLY D 128 29.14 18.67 15.37
N LEU D 129 28.12 18.07 14.80
CA LEU D 129 27.51 16.92 15.49
C LEU D 129 28.56 15.85 15.69
N LEU D 130 28.49 15.12 16.80
CA LEU D 130 29.48 14.12 17.25
C LEU D 130 28.89 12.71 17.18
N THR D 131 29.76 11.71 17.04
CA THR D 131 29.37 10.29 17.13
C THR D 131 29.46 9.83 18.59
N GLU D 132 28.92 8.64 18.87
CA GLU D 132 29.01 8.04 20.22
C GLU D 132 28.25 8.95 21.18
N HIS D 133 27.21 9.59 20.65
CA HIS D 133 26.26 10.44 21.42
C HIS D 133 24.83 9.91 21.25
N ASN D 134 24.08 9.88 22.35
CA ASN D 134 22.69 9.37 22.36
C ASN D 134 21.77 10.55 22.23
N ILE D 135 20.85 10.45 21.26
CA ILE D 135 19.77 11.44 21.03
C ILE D 135 18.80 11.34 22.19
N CYS D 136 18.70 12.39 22.99
CA CYS D 136 17.76 12.51 24.11
C CYS D 136 16.51 13.31 23.67
N GLU D 137 16.64 14.37 22.88
CA GLU D 137 15.45 15.20 22.52
C GLU D 137 15.58 15.71 21.09
N ILE D 138 14.41 15.86 20.44
CA ILE D 138 14.27 16.46 19.09
C ILE D 138 13.32 17.65 19.19
N ASN D 139 13.83 18.85 18.90
CA ASN D 139 13.03 20.09 19.07
C ASN D 139 12.31 20.06 20.42
N GLY D 140 13.04 19.79 21.51
CA GLY D 140 12.50 19.82 22.88
C GLY D 140 11.74 18.54 23.28
N GLN D 141 11.36 17.68 22.33
CA GLN D 141 10.60 16.45 22.66
C GLN D 141 11.55 15.30 23.07
N ASN D 142 11.30 14.69 24.23
CA ASN D 142 11.98 13.46 24.78
C ASN D 142 11.70 12.32 23.80
N VAL D 143 12.73 11.74 23.21
CA VAL D 143 12.59 10.58 22.28
C VAL D 143 13.23 9.28 22.91
N ILE D 144 13.45 9.37 24.24
CA ILE D 144 14.15 8.25 24.98
C ILE D 144 13.22 7.04 25.15
N GLY D 145 13.67 5.92 24.57
CA GLY D 145 12.93 4.65 24.57
C GLY D 145 12.07 4.45 23.33
N LEU D 146 11.88 5.48 22.50
CA LEU D 146 11.19 5.28 21.20
C LEU D 146 12.10 4.43 20.34
N LYS D 147 11.54 3.70 19.39
CA LYS D 147 12.30 2.92 18.39
C LYS D 147 12.88 3.88 17.34
N ASP D 148 13.92 3.43 16.63
CA ASP D 148 14.55 4.25 15.56
C ASP D 148 13.48 4.76 14.60
N SER D 149 12.50 3.94 14.18
CA SER D 149 11.54 4.32 13.12
C SER D 149 10.77 5.54 13.62
N GLN D 150 10.35 5.56 14.89
CA GLN D 150 9.63 6.71 15.51
C GLN D 150 10.52 7.96 15.47
N ILE D 151 11.77 7.81 15.93
CA ILE D 151 12.81 8.89 15.93
C ILE D 151 12.94 9.43 14.50
N ALA D 152 13.08 8.55 13.50
CA ALA D 152 13.19 8.90 12.05
C ALA D 152 11.98 9.75 11.66
N ASP D 153 10.79 9.24 11.95
N ASP D 153 10.78 9.25 11.93
CA ASP D 153 9.47 9.86 11.66
CA ASP D 153 9.49 9.94 11.59
C ASP D 153 9.45 11.28 12.24
C ASP D 153 9.47 11.33 12.23
N ILE D 154 9.89 11.43 13.50
CA ILE D 154 9.88 12.72 14.24
C ILE D 154 10.86 13.68 13.57
N LEU D 155 11.96 13.16 13.02
CA LEU D 155 12.97 14.04 12.37
C LEU D 155 12.34 14.64 11.10
N SER D 156 11.69 13.81 10.30
CA SER D 156 10.98 14.19 9.04
C SER D 156 9.90 15.24 9.34
N THR D 157 9.19 15.08 10.45
CA THR D 157 8.03 15.91 10.85
C THR D 157 8.48 17.28 11.37
N SER D 158 9.79 17.46 11.60
CA SER D 158 10.37 18.75 12.06
C SER D 158 10.26 19.78 10.92
N GLY D 159 10.18 21.06 11.32
CA GLY D 159 10.61 22.18 10.45
C GLY D 159 12.01 21.94 9.87
N THR D 160 12.35 22.73 8.84
CA THR D 160 13.70 22.84 8.21
C THR D 160 14.76 22.82 9.33
N VAL D 161 14.51 23.66 10.34
CA VAL D 161 15.35 23.93 11.54
C VAL D 161 15.10 22.79 12.51
N VAL D 162 16.07 21.86 12.61
CA VAL D 162 16.10 20.66 13.50
C VAL D 162 17.14 20.85 14.62
N THR D 163 16.67 20.93 15.85
CA THR D 163 17.47 20.95 17.09
C THR D 163 17.49 19.51 17.64
N ILE D 164 18.66 18.92 17.91
CA ILE D 164 18.69 17.66 18.69
C ILE D 164 19.44 17.92 19.99
N THR D 165 19.08 17.18 21.03
CA THR D 165 19.69 17.18 22.37
C THR D 165 20.44 15.87 22.50
N ILE D 166 21.76 15.98 22.78
CA ILE D 166 22.68 14.82 22.75
C ILE D 166 23.39 14.65 24.08
N MET D 167 23.84 13.42 24.32
CA MET D 167 24.55 13.07 25.57
C MET D 167 25.58 12.02 25.20
N PRO D 168 26.82 12.18 25.70
CA PRO D 168 27.86 11.22 25.38
C PRO D 168 27.35 9.81 25.76
N ALA D 169 27.50 8.81 24.88
CA ALA D 169 26.97 7.43 25.05
C ALA D 169 27.25 6.87 26.44
N PHE D 170 28.48 6.97 26.94
N PHE D 170 28.47 7.04 26.95
CA PHE D 170 28.93 6.26 28.18
CA PHE D 170 29.01 6.33 28.15
C PHE D 170 28.08 6.77 29.35
C PHE D 170 28.26 6.83 29.40
N ILE D 171 27.76 8.07 29.36
CA ILE D 171 26.99 8.69 30.49
C ILE D 171 25.53 8.27 30.37
N PHE D 172 25.03 8.13 29.15
CA PHE D 172 23.60 7.80 28.92
C PHE D 172 23.45 6.35 29.39
N GLU D 173 24.41 5.50 29.03
CA GLU D 173 24.42 4.10 29.46
C GLU D 173 24.29 4.06 30.98
N HIS D 174 24.90 5.01 31.69
CA HIS D 174 25.01 4.93 33.17
C HIS D 174 23.70 5.42 33.78
N ILE D 175 23.03 6.38 33.13
CA ILE D 175 21.76 7.01 33.61
C ILE D 175 20.65 5.98 33.45
N ILE D 176 20.55 5.30 32.32
CA ILE D 176 19.39 4.39 32.12
C ILE D 176 19.62 3.02 32.83
N LYS D 177 20.80 2.73 33.35
CA LYS D 177 21.04 1.52 34.18
C LYS D 177 20.07 1.46 35.36
N ARG D 178 19.58 0.25 35.66
CA ARG D 178 18.71 -0.08 36.83
C ARG D 178 17.28 0.39 36.57
N MET D 179 16.87 0.48 35.30
CA MET D 179 15.49 0.88 34.85
C MET D 179 15.07 -0.17 33.83
N ALA D 180 14.04 -0.95 34.18
CA ALA D 180 13.36 -1.95 33.32
C ALA D 180 13.03 -1.30 31.98
N PRO D 181 13.52 -1.85 30.84
CA PRO D 181 13.32 -1.21 29.54
C PRO D 181 11.82 -1.02 29.20
N SER D 182 10.98 -1.83 29.83
CA SER D 182 9.51 -1.87 29.61
C SER D 182 8.88 -0.66 30.31
N ILE D 183 9.51 -0.21 31.39
CA ILE D 183 9.09 1.02 32.09
C ILE D 183 9.52 2.25 31.26
N MET D 184 10.75 2.23 30.70
CA MET D 184 11.30 3.30 29.83
C MET D 184 10.38 3.48 28.63
N LYS D 185 10.11 2.40 27.87
CA LYS D 185 9.18 2.34 26.71
C LYS D 185 7.74 2.73 27.11
N SER D 186 7.24 2.31 28.26
CA SER D 186 5.79 2.49 28.53
C SER D 186 5.54 3.85 29.18
N LEU D 187 6.37 4.30 30.12
CA LEU D 187 6.02 5.41 31.05
C LEU D 187 6.70 6.73 30.69
N MET D 188 7.66 6.77 29.77
CA MET D 188 8.53 7.96 29.54
C MET D 188 7.74 9.09 28.85
N ASP D 189 7.74 10.25 29.49
CA ASP D 189 7.17 11.49 28.92
C ASP D 189 7.69 11.75 27.49
N HIS D 190 6.77 11.88 26.50
CA HIS D 190 7.07 12.26 25.09
C HIS D 190 6.17 13.39 24.57
N THR D 191 5.60 14.17 25.50
CA THR D 191 4.70 15.30 25.15
C THR D 191 5.51 16.52 24.68
N ILE D 192 4.80 17.59 24.28
CA ILE D 192 5.32 18.92 23.80
C ILE D 192 4.25 19.97 24.00
N PRO D 193 4.60 21.28 24.09
CA PRO D 193 3.66 22.27 24.63
C PRO D 193 2.37 22.43 23.76
N GLU D 194 2.56 22.33 22.44
CA GLU D 194 1.49 22.44 21.41
C GLU D 194 2.03 21.89 20.07
N VAL D 195 1.10 21.59 19.15
CA VAL D 195 1.45 21.27 17.73
C VAL D 195 1.27 22.56 16.89
C1 EDO E . 5.10 -2.96 -9.85
O1 EDO E . 4.53 -2.42 -8.66
C2 EDO E . 4.24 -4.00 -10.45
O2 EDO E . 2.95 -3.52 -10.70
N1 LV4 F . -37.96 -30.02 32.97
C4 LV4 F . -37.56 -28.47 35.52
C5 LV4 F . -37.33 -29.77 35.97
C6 LV4 F . -37.09 -28.85 33.05
C7 LV4 F . -39.45 -25.92 34.78
N LV4 F . -36.93 -28.03 34.23
C LV4 F . -37.92 -30.21 37.16
O LV4 F . -38.52 -26.29 35.76
C1 LV4 F . -38.71 -29.33 37.89
C2 LV4 F . -38.93 -28.03 37.44
C3 LV4 F . -38.36 -27.60 36.23
F LV4 F . -40.68 -25.73 35.33
F1 LV4 F . -39.51 -26.80 33.74
F2 LV4 F . -39.02 -24.73 34.31
S LV4 F . -36.27 -28.53 31.84
C1 EDO G . -32.46 -31.25 9.70
O1 EDO G . -31.90 -30.20 8.99
C2 EDO G . -33.32 -32.04 8.80
O2 EDO G . -32.96 -31.84 7.46
C1 EDO H . -23.40 -10.66 14.30
O1 EDO H . -23.36 -10.51 15.70
C2 EDO H . -24.67 -10.05 13.67
O2 EDO H . -25.94 -10.50 14.18
N DGL I . -24.54 -32.96 -0.26
CA DGL I . -24.12 -32.11 0.89
C DGL I . -24.10 -30.63 0.46
O DGL I . -24.09 -30.27 -0.73
CB DGL I . -25.04 -32.38 2.08
CG DGL I . -26.50 -32.06 1.82
CD DGL I . -27.44 -32.35 2.97
OE1 DGL I . -28.61 -32.66 2.69
OE2 DGL I . -27.02 -32.26 4.14
OXT DGL I . -24.10 -29.73 1.30
N1 LV4 J . 16.12 -15.48 -27.99
C4 LV4 J . 15.86 -17.25 -30.30
C5 LV4 J . 16.70 -18.16 -29.66
C6 LV4 J . 14.82 -15.94 -28.45
C7 LV4 J . 15.65 -14.53 -32.20
N LV4 J . 14.68 -16.82 -29.60
C LV4 J . 17.85 -18.61 -30.30
O LV4 J . 15.28 -15.87 -32.20
C1 LV4 J . 18.16 -18.15 -31.58
C2 LV4 J . 17.30 -17.24 -32.21
C3 LV4 J . 16.15 -16.78 -31.56
F LV4 J . 15.64 -14.06 -30.90
F1 LV4 J . 14.76 -13.84 -32.97
F2 LV4 J . 16.90 -14.37 -32.73
S LV4 J . 13.51 -15.49 -27.66
N1 LV4 K . -0.69 7.38 -1.25
C4 LV4 K . -0.70 9.84 0.29
C5 LV4 K . -0.90 9.07 1.44
C6 LV4 K . 0.41 8.31 -1.38
C7 LV4 K . -2.19 11.24 -2.25
N LV4 K . 0.39 9.53 -0.61
C LV4 K . -1.96 9.36 2.30
O LV4 K . -1.38 11.64 -1.16
C1 LV4 K . -2.82 10.41 2.02
C2 LV4 K . -2.62 11.18 0.88
C3 LV4 K . -1.57 10.89 0.00
F LV4 K . -1.85 9.94 -2.55
F1 LV4 K . -2.02 12.05 -3.35
F2 LV4 K . -3.50 11.38 -1.92
S LV4 K . 1.67 7.95 -2.40
C1 EDO L . 20.37 14.02 -23.12
O1 EDO L . 19.01 13.85 -22.76
C2 EDO L . 21.28 13.75 -21.97
O2 EDO L . 20.79 14.28 -20.75
C1 EDO M . 12.37 -6.83 -15.79
O1 EDO M . 12.94 -6.00 -16.79
C2 EDO M . 11.57 -7.96 -16.33
O2 EDO M . 12.00 -8.40 -17.61
C1 EDO N . 5.47 0.55 -18.91
O1 EDO N . 5.44 1.98 -18.76
C2 EDO N . 6.58 0.02 -19.75
O2 EDO N . 6.18 -0.49 -21.04
N GLY O . 20.74 -12.06 -19.98
CA GLY O . 22.23 -12.05 -19.93
C GLY O . 22.81 -10.85 -20.65
O GLY O . 23.44 -10.96 -21.71
OXT GLY O . 22.63 -9.72 -20.15
N1 LV4 P . 34.15 9.93 10.12
C4 LV4 P . 33.02 10.38 7.35
C5 LV4 P . 33.83 9.36 6.93
C6 LV4 P . 32.74 10.15 9.87
C7 LV4 P . 32.61 13.61 7.74
N LV4 P . 32.21 10.34 8.55
C LV4 P . 34.55 9.53 5.76
O LV4 P . 32.01 12.56 7.05
C1 LV4 P . 34.45 10.69 4.98
C2 LV4 P . 33.61 11.72 5.41
C3 LV4 P . 32.90 11.56 6.59
F LV4 P . 33.20 13.10 8.85
F1 LV4 P . 31.66 14.51 8.12
F2 LV4 P . 33.51 14.23 6.94
S LV4 P . 31.69 10.18 11.09
C1 EDO Q . 9.49 17.25 27.46
O1 EDO Q . 10.52 17.49 26.51
C2 EDO Q . 8.71 16.03 27.09
O2 EDO Q . 9.13 15.51 25.85
C1 EDO R . 30.51 7.69 34.70
O1 EDO R . 30.52 8.31 35.98
C2 EDO R . 29.91 8.53 33.63
O2 EDO R . 28.53 8.72 33.75
S SO4 S . 23.42 24.65 8.25
O1 SO4 S . 22.47 25.13 7.26
O2 SO4 S . 24.17 23.56 7.69
O3 SO4 S . 22.70 24.20 9.42
O4 SO4 S . 24.31 25.71 8.62
S SO4 T . 15.90 0.02 17.95
O1 SO4 T . 17.07 -0.25 17.17
O2 SO4 T . 15.01 0.87 17.22
O3 SO4 T . 16.30 0.68 19.18
O4 SO4 T . 15.24 -1.22 18.27
S SO4 U . 12.73 2.55 42.51
O1 SO4 U . 11.81 3.40 41.80
O2 SO4 U . 13.92 2.35 41.72
O3 SO4 U . 12.12 1.28 42.78
O4 SO4 U . 13.06 3.16 43.78
N ALA V . 19.63 9.77 8.10
CA ALA V . 18.77 10.83 8.73
C ALA V . 19.25 12.24 8.37
O ALA V . 20.25 12.49 7.68
CB ALA V . 18.72 10.63 10.23
OXT ALA V . 18.61 13.20 8.80
N DGL W . 25.00 3.10 44.41
CA DGL W . 24.25 2.78 43.13
C DGL W . 23.03 3.71 43.00
O DGL W . 22.48 3.86 41.90
CB DGL W . 25.19 2.87 41.93
CG DGL W . 26.14 4.06 41.98
CD DGL W . 26.51 4.67 40.64
OE1 DGL W . 26.55 3.92 39.62
OE2 DGL W . 26.75 5.89 40.60
OXT DGL W . 22.62 4.33 44.02
N GLY X . 28.24 7.86 47.07
CA GLY X . 27.51 7.38 45.86
C GLY X . 26.26 6.61 46.22
O GLY X . 25.78 5.78 45.44
OXT GLY X . 25.71 6.81 47.32
#